data_5B89
#
_entry.id   5B89
#
_cell.length_a   62.939
_cell.length_b   78.718
_cell.length_c   171.908
_cell.angle_alpha   90.00
_cell.angle_beta   90.00
_cell.angle_gamma   90.00
#
_symmetry.space_group_name_H-M   'P 21 21 21'
#
loop_
_entity.id
_entity.type
_entity.pdbx_description
1 polymer 'Cysteine desulfurase'
2 non-polymer ALANINE
3 non-polymer "PYRIDOXAL-5'-PHOSPHATE"
4 non-polymer GLYCEROL
5 non-polymer 1,2-ETHANEDIOL
6 water water
#
_entity_poly.entity_id   1
_entity_poly.type   'polypeptide(L)'
_entity_poly.pdbx_seq_one_letter_code
;MHHHHHHSSENLYFQGHMASMRIPEDVRKDIPLTNEVIYFDNTATSLTPKPVVEAMDEYYLKYRANVHRGVHRLSQMATH
KYEESRKIVADFIGAKFEEIVFTKNTSESLNLVALGLGHIFKRGDKIVTTPYEHHSDLLPWQRLATKLGLKLEFIEGDDE
GNLDLSDAEKKIKGAKLVAVQHVSNALGVIHEVEELGKIAKDEGAIFVVDAAQSAGHMEVNVKKLHADFLAFSGHKGPMG
PTGIGVLYIREEFFDTFEPPLIGGGTIEDVSLDGYKLTEPPERFEAGTPNIGGAIGLAAGIRYIERIGLGRIERQEHKLV
KRTTEGLDELEVPWYGPRNLKKHAGVVSFNVPGLHPHDVAAILDDHSIMVRSGHH(CSS)ALPVMKKLGINGTVRASFHV
YNSLEEVETFLGVMEELVKGLKT
;
_entity_poly.pdbx_strand_id   A,B
#
# COMPACT_ATOMS: atom_id res chain seq x y z
N MET A 18 8.66 -19.36 21.44
CA MET A 18 9.16 -20.48 20.58
C MET A 18 8.37 -21.78 20.82
N ALA A 19 8.27 -22.63 19.80
CA ALA A 19 7.56 -23.91 19.91
C ALA A 19 8.47 -25.02 19.49
N SER A 20 8.14 -26.25 19.87
CA SER A 20 8.92 -27.44 19.49
C SER A 20 8.57 -27.85 18.09
N MET A 21 9.56 -27.94 17.22
CA MET A 21 9.28 -28.31 15.85
C MET A 21 10.54 -28.66 15.16
N ARG A 22 10.41 -29.37 14.05
CA ARG A 22 11.53 -29.80 13.29
C ARG A 22 11.81 -28.75 12.23
N ILE A 23 13.07 -28.43 12.02
CA ILE A 23 13.45 -27.44 11.04
C ILE A 23 14.37 -28.18 10.13
N PRO A 24 14.20 -28.19 8.76
CA PRO A 24 13.10 -27.39 8.19
C PRO A 24 11.73 -28.03 7.98
N GLU A 25 11.61 -29.30 8.30
CA GLU A 25 10.43 -30.03 8.01
C GLU A 25 9.05 -29.51 8.41
N ASP A 26 8.94 -28.98 9.60
CA ASP A 26 7.68 -28.52 10.11
C ASP A 26 7.24 -27.22 9.48
N VAL A 27 8.19 -26.46 8.97
CA VAL A 27 7.86 -25.22 8.27
C VAL A 27 7.43 -25.59 6.87
N ARG A 28 8.14 -26.52 6.25
CA ARG A 28 7.81 -26.96 4.93
C ARG A 28 6.40 -27.53 4.79
N LYS A 29 5.92 -28.19 5.81
CA LYS A 29 4.61 -28.72 5.82
C LYS A 29 3.51 -27.67 5.66
N ASP A 30 3.84 -26.43 5.96
CA ASP A 30 2.88 -25.28 5.92
C ASP A 30 2.99 -24.49 4.63
N ILE A 31 3.88 -24.93 3.73
CA ILE A 31 4.20 -24.24 2.45
C ILE A 31 4.13 -25.21 1.31
N PRO A 32 2.93 -25.38 0.67
CA PRO A 32 2.72 -26.37 -0.36
C PRO A 32 3.73 -26.23 -1.49
N LEU A 33 4.14 -24.99 -1.86
CA LEU A 33 5.08 -24.81 -2.94
C LEU A 33 6.43 -25.51 -2.77
N THR A 34 6.77 -25.81 -1.53
CA THR A 34 8.03 -26.49 -1.29
C THR A 34 8.01 -27.93 -1.86
N ASN A 35 6.83 -28.43 -2.13
CA ASN A 35 6.67 -29.73 -2.73
C ASN A 35 6.85 -29.68 -4.26
N GLU A 36 6.79 -28.50 -4.82
CA GLU A 36 6.88 -28.27 -6.25
C GLU A 36 8.15 -27.70 -6.78
N VAL A 37 8.76 -26.81 -6.03
CA VAL A 37 9.98 -26.17 -6.44
C VAL A 37 10.97 -26.07 -5.30
N ILE A 38 12.21 -25.80 -5.66
CA ILE A 38 13.26 -25.50 -4.76
C ILE A 38 13.32 -23.98 -4.89
N TYR A 39 12.76 -23.28 -3.92
CA TYR A 39 12.70 -21.85 -4.00
C TYR A 39 13.85 -21.15 -3.35
N PHE A 40 14.75 -20.65 -4.18
CA PHE A 40 15.95 -19.93 -3.76
C PHE A 40 15.90 -18.45 -4.20
N ASP A 41 14.72 -17.86 -4.14
CA ASP A 41 14.57 -16.46 -4.49
C ASP A 41 13.94 -15.66 -3.34
N ASN A 42 14.34 -15.99 -2.15
CA ASN A 42 13.85 -15.38 -0.95
C ASN A 42 14.16 -13.90 -0.76
N THR A 43 15.23 -13.43 -1.37
CA THR A 43 15.56 -12.06 -1.28
C THR A 43 14.51 -11.19 -2.02
N ALA A 44 13.96 -11.73 -3.09
CA ALA A 44 12.91 -11.02 -3.83
C ALA A 44 11.60 -11.03 -3.07
N THR A 45 11.25 -12.19 -2.55
CA THR A 45 10.07 -12.33 -1.76
C THR A 45 10.10 -13.72 -1.12
N SER A 46 9.52 -13.87 0.04
CA SER A 46 9.42 -15.18 0.64
C SER A 46 8.19 -15.94 0.20
N LEU A 47 8.18 -17.21 0.49
CA LEU A 47 7.01 -18.06 0.29
C LEU A 47 6.14 -17.80 1.54
N THR A 48 4.85 -18.11 1.50
CA THR A 48 3.98 -17.69 2.54
C THR A 48 3.32 -18.91 3.17
N PRO A 49 3.49 -19.10 4.47
CA PRO A 49 2.91 -20.27 5.09
C PRO A 49 1.41 -20.21 5.21
N LYS A 50 0.75 -21.37 5.24
CA LYS A 50 -0.70 -21.41 5.37
C LYS A 50 -1.25 -20.62 6.52
N PRO A 51 -0.64 -20.60 7.70
CA PRO A 51 -1.29 -19.91 8.79
C PRO A 51 -1.41 -18.37 8.57
N VAL A 52 -0.52 -17.83 7.75
CA VAL A 52 -0.58 -16.42 7.40
C VAL A 52 -1.77 -16.15 6.45
N VAL A 53 -1.91 -17.01 5.48
CA VAL A 53 -3.08 -16.91 4.58
C VAL A 53 -4.33 -17.08 5.38
N GLU A 54 -4.39 -18.01 6.33
CA GLU A 54 -5.59 -18.23 7.13
C GLU A 54 -5.93 -17.05 8.00
N ALA A 55 -4.95 -16.36 8.56
CA ALA A 55 -5.19 -15.17 9.35
C ALA A 55 -5.88 -14.04 8.53
N MET A 56 -5.34 -13.87 7.32
CA MET A 56 -5.94 -12.86 6.42
C MET A 56 -7.34 -13.32 6.00
N ASP A 57 -7.54 -14.57 5.68
CA ASP A 57 -8.85 -15.04 5.26
C ASP A 57 -9.90 -14.80 6.35
N GLU A 58 -9.49 -14.93 7.59
CA GLU A 58 -10.37 -14.74 8.70
C GLU A 58 -10.86 -13.32 8.75
N TYR A 59 -9.99 -12.38 8.47
CA TYR A 59 -10.40 -10.99 8.42
C TYR A 59 -11.43 -10.81 7.30
N TYR A 60 -11.08 -11.25 6.11
CA TYR A 60 -11.93 -11.04 4.96
C TYR A 60 -13.29 -11.68 5.07
N LEU A 61 -13.35 -12.86 5.65
CA LEU A 61 -14.61 -13.56 5.72
C LEU A 61 -15.39 -13.56 7.02
N LYS A 62 -14.75 -13.28 8.13
CA LYS A 62 -15.37 -13.31 9.46
C LYS A 62 -15.47 -11.99 10.24
N TYR A 63 -14.60 -11.04 9.92
CA TYR A 63 -14.67 -9.77 10.62
C TYR A 63 -14.33 -8.55 9.74
N ARG A 64 -14.75 -8.62 8.50
CA ARG A 64 -14.47 -7.58 7.52
C ARG A 64 -15.11 -6.25 7.84
N ALA A 65 -14.28 -5.24 7.99
CA ALA A 65 -14.73 -3.92 8.32
C ALA A 65 -13.55 -2.94 8.30
N ASN A 66 -13.87 -1.67 8.29
CA ASN A 66 -12.88 -0.63 8.40
C ASN A 66 -12.60 -0.44 9.91
N VAL A 67 -11.51 0.23 10.20
CA VAL A 67 -11.04 0.45 11.52
C VAL A 67 -11.50 1.76 12.11
N HIS A 68 -10.66 2.36 12.92
CA HIS A 68 -10.95 3.62 13.54
C HIS A 68 -12.07 3.59 14.54
N ARG A 69 -12.20 2.47 15.21
CA ARG A 69 -13.16 2.30 16.27
C ARG A 69 -14.60 2.66 15.94
N GLY A 70 -15.09 2.14 14.84
CA GLY A 70 -16.48 2.38 14.52
C GLY A 70 -17.24 1.70 15.63
N VAL A 71 -18.45 2.14 15.87
CA VAL A 71 -19.21 1.56 16.95
C VAL A 71 -19.59 0.09 16.76
N HIS A 72 -19.87 -0.29 15.54
CA HIS A 72 -20.31 -1.64 15.26
C HIS A 72 -19.33 -2.70 15.54
N ARG A 73 -19.82 -3.88 15.85
CA ARG A 73 -18.95 -4.94 16.26
C ARG A 73 -17.90 -5.41 15.27
N LEU A 74 -18.19 -5.32 13.98
CA LEU A 74 -17.19 -5.72 13.02
C LEU A 74 -16.06 -4.71 13.06
N SER A 75 -16.38 -3.44 13.10
CA SER A 75 -15.29 -2.45 13.17
C SER A 75 -14.52 -2.53 14.48
N GLN A 76 -15.20 -2.87 15.56
CA GLN A 76 -14.51 -3.06 16.84
C GLN A 76 -13.50 -4.22 16.76
N MET A 77 -13.90 -5.32 16.19
CA MET A 77 -13.05 -6.45 16.04
C MET A 77 -11.84 -6.09 15.09
N ALA A 78 -12.15 -5.57 13.93
CA ALA A 78 -11.09 -5.19 12.99
C ALA A 78 -10.13 -4.20 13.60
N THR A 79 -10.64 -3.20 14.30
CA THR A 79 -9.83 -2.25 15.00
C THR A 79 -8.93 -2.89 16.08
N HIS A 80 -9.51 -3.83 16.86
CA HIS A 80 -8.69 -4.52 17.83
C HIS A 80 -7.58 -5.35 17.15
N LYS A 81 -7.88 -6.03 16.06
CA LYS A 81 -6.90 -6.84 15.41
C LYS A 81 -5.83 -5.99 14.74
N TYR A 82 -6.21 -4.84 14.18
CA TYR A 82 -5.25 -3.90 13.56
C TYR A 82 -4.32 -3.31 14.60
N GLU A 83 -4.81 -2.91 15.75
CA GLU A 83 -3.96 -2.44 16.84
C GLU A 83 -3.05 -3.57 17.37
N GLU A 84 -3.60 -4.75 17.55
CA GLU A 84 -2.81 -5.93 17.93
C GLU A 84 -1.67 -6.08 16.99
N SER A 85 -1.94 -5.94 15.70
CA SER A 85 -0.92 -6.15 14.76
C SER A 85 0.17 -5.12 14.82
N ARG A 86 -0.19 -3.87 14.98
CA ARG A 86 0.80 -2.82 15.23
C ARG A 86 1.68 -3.13 16.45
N LYS A 87 1.04 -3.61 17.51
CA LYS A 87 1.83 -3.89 18.72
C LYS A 87 2.76 -5.09 18.45
N ILE A 88 2.31 -6.07 17.70
CA ILE A 88 3.17 -7.21 17.37
C ILE A 88 4.40 -6.71 16.61
N VAL A 89 4.16 -5.83 15.64
CA VAL A 89 5.29 -5.32 14.85
C VAL A 89 6.23 -4.47 15.71
N ALA A 90 5.71 -3.61 16.56
CA ALA A 90 6.53 -2.80 17.48
C ALA A 90 7.38 -3.72 18.37
N ASP A 91 6.80 -4.80 18.94
CA ASP A 91 7.57 -5.66 19.82
C ASP A 91 8.63 -6.44 18.99
N PHE A 92 8.40 -6.81 17.74
CA PHE A 92 9.32 -7.48 16.91
C PHE A 92 10.62 -6.69 16.73
N ILE A 93 10.53 -5.38 16.68
CA ILE A 93 11.72 -4.59 16.46
C ILE A 93 12.14 -3.73 17.64
N GLY A 94 11.49 -3.91 18.78
CA GLY A 94 11.85 -3.17 19.98
C GLY A 94 11.38 -1.75 20.09
N ALA A 95 10.37 -1.44 19.33
CA ALA A 95 9.82 -0.13 19.31
C ALA A 95 8.57 -0.06 20.15
N LYS A 96 8.12 1.17 20.32
CA LYS A 96 6.87 1.45 20.96
C LYS A 96 5.74 1.42 19.90
N PHE A 97 4.55 1.03 20.32
CA PHE A 97 3.38 1.04 19.50
C PHE A 97 3.29 2.27 18.61
N GLU A 98 3.39 3.45 19.13
CA GLU A 98 3.13 4.65 18.39
C GLU A 98 4.23 5.02 17.36
N GLU A 99 5.37 4.33 17.42
CA GLU A 99 6.51 4.60 16.51
C GLU A 99 6.39 3.77 15.24
N ILE A 100 5.36 2.95 15.12
CA ILE A 100 5.18 2.02 13.92
C ILE A 100 4.10 2.64 13.01
N VAL A 101 4.53 2.87 11.76
CA VAL A 101 3.64 3.38 10.67
C VAL A 101 3.62 2.30 9.56
N PHE A 102 2.42 1.98 9.09
CA PHE A 102 2.26 1.03 7.96
C PHE A 102 2.29 1.79 6.66
N THR A 103 3.05 1.17 5.74
CA THR A 103 3.24 1.67 4.38
C THR A 103 3.03 0.47 3.43
N LYS A 104 3.23 0.66 2.12
CA LYS A 104 3.07 -0.47 1.19
C LYS A 104 4.30 -1.39 1.06
N ASN A 105 5.46 -0.82 1.32
CA ASN A 105 6.71 -1.52 1.21
C ASN A 105 7.87 -0.67 1.73
N THR A 106 9.09 -1.25 1.76
CA THR A 106 10.27 -0.54 2.19
C THR A 106 10.55 0.67 1.37
N SER A 107 10.31 0.55 0.03
CA SER A 107 10.57 1.69 -0.81
C SER A 107 9.73 2.91 -0.52
N GLU A 108 8.44 2.68 -0.25
CA GLU A 108 7.59 3.76 0.20
C GLU A 108 8.15 4.39 1.52
N SER A 109 8.41 3.51 2.47
CA SER A 109 8.94 3.97 3.73
C SER A 109 10.17 4.84 3.56
N LEU A 110 11.12 4.43 2.76
CA LEU A 110 12.35 5.27 2.59
C LEU A 110 12.08 6.59 1.86
N ASN A 111 11.15 6.59 0.88
CA ASN A 111 10.73 7.81 0.24
C ASN A 111 10.11 8.74 1.23
N LEU A 112 9.26 8.18 2.11
CA LEU A 112 8.60 9.05 3.09
C LEU A 112 9.60 9.72 4.06
N VAL A 113 10.63 8.98 4.42
CA VAL A 113 11.71 9.59 5.24
C VAL A 113 12.33 10.81 4.59
N ALA A 114 12.67 10.65 3.33
CA ALA A 114 13.26 11.78 2.62
C ALA A 114 12.32 12.93 2.43
N LEU A 115 11.09 12.63 2.04
CA LEU A 115 10.09 13.63 1.90
C LEU A 115 9.77 14.35 3.21
N GLY A 116 9.63 13.61 4.24
CA GLY A 116 9.24 14.12 5.57
C GLY A 116 10.30 14.90 6.31
N LEU A 117 11.55 14.69 5.96
CA LEU A 117 12.62 15.40 6.59
C LEU A 117 13.21 16.44 5.70
N GLY A 118 12.77 16.51 4.47
CA GLY A 118 13.31 17.47 3.54
C GLY A 118 13.47 18.87 4.09
N HIS A 119 12.46 19.35 4.75
CA HIS A 119 12.45 20.71 5.27
C HIS A 119 13.53 21.06 6.29
N ILE A 120 14.21 20.08 6.83
CA ILE A 120 15.23 20.36 7.82
C ILE A 120 16.62 20.64 7.26
N PHE A 121 16.80 20.39 6.00
CA PHE A 121 18.07 20.58 5.39
C PHE A 121 18.33 21.96 4.82
N LYS A 122 19.58 22.34 4.77
CA LYS A 122 19.99 23.59 4.16
C LYS A 122 21.12 23.31 3.18
N ARG A 123 21.28 24.18 2.19
CA ARG A 123 22.27 24.02 1.18
C ARG A 123 23.59 23.73 1.81
N GLY A 124 24.24 22.71 1.34
CA GLY A 124 25.51 22.34 1.85
C GLY A 124 25.58 21.25 2.87
N ASP A 125 24.44 20.90 3.44
CA ASP A 125 24.35 19.85 4.40
C ASP A 125 24.76 18.58 3.71
N LYS A 126 25.23 17.65 4.49
CA LYS A 126 25.74 16.39 4.04
C LYS A 126 24.95 15.12 4.44
N ILE A 127 24.78 14.24 3.47
CA ILE A 127 24.13 12.97 3.65
C ILE A 127 25.12 11.92 3.27
N VAL A 128 25.21 10.88 4.06
CA VAL A 128 26.11 9.78 3.83
C VAL A 128 25.39 8.46 3.72
N THR A 129 25.79 7.63 2.77
CA THR A 129 25.26 6.30 2.61
C THR A 129 26.38 5.34 2.15
N THR A 130 26.04 4.12 1.81
CA THR A 130 26.96 3.16 1.31
C THR A 130 26.89 3.08 -0.18
N PRO A 131 27.99 2.49 -0.75
CA PRO A 131 27.94 2.41 -2.22
C PRO A 131 27.18 1.19 -2.71
N TYR A 132 26.64 0.40 -1.80
CA TYR A 132 25.98 -0.82 -2.15
C TYR A 132 24.46 -0.79 -2.04
N GLU A 133 23.92 0.37 -1.81
CA GLU A 133 22.48 0.46 -1.61
C GLU A 133 21.62 0.00 -2.78
N HIS A 134 20.50 -0.61 -2.44
CA HIS A 134 19.47 -0.97 -3.38
C HIS A 134 18.93 0.41 -3.83
N HIS A 135 18.41 0.49 -5.04
CA HIS A 135 17.91 1.75 -5.58
C HIS A 135 16.90 2.51 -4.71
N SER A 136 16.10 1.79 -3.96
CA SER A 136 15.15 2.44 -3.08
C SER A 136 15.80 3.17 -1.91
N ASP A 137 17.03 2.82 -1.56
CA ASP A 137 17.74 3.54 -0.51
C ASP A 137 18.83 4.43 -1.11
N LEU A 138 18.71 4.75 -2.38
CA LEU A 138 19.69 5.64 -3.04
C LEU A 138 19.00 6.78 -3.73
N LEU A 139 18.00 6.49 -4.59
CA LEU A 139 17.31 7.51 -5.34
C LEU A 139 16.67 8.60 -4.55
N PRO A 140 16.00 8.24 -3.44
CA PRO A 140 15.42 9.33 -2.65
C PRO A 140 16.45 10.35 -2.12
N TRP A 141 17.65 9.89 -1.78
CA TRP A 141 18.68 10.76 -1.28
C TRP A 141 19.32 11.55 -2.41
N GLN A 142 19.44 10.93 -3.57
CA GLN A 142 19.97 11.63 -4.73
C GLN A 142 19.01 12.77 -5.11
N ARG A 143 17.71 12.50 -5.10
CA ARG A 143 16.76 13.52 -5.42
C ARG A 143 16.80 14.64 -4.46
N LEU A 144 16.79 14.29 -3.16
CA LEU A 144 16.82 15.32 -2.15
C LEU A 144 18.12 16.18 -2.29
N ALA A 145 19.22 15.52 -2.49
CA ALA A 145 20.54 16.23 -2.63
C ALA A 145 20.50 17.12 -3.83
N THR A 146 19.86 16.71 -4.92
CA THR A 146 19.75 17.55 -6.15
C THR A 146 18.88 18.70 -5.90
N LYS A 147 17.72 18.48 -5.27
CA LYS A 147 16.78 19.58 -5.05
C LYS A 147 17.31 20.66 -4.15
N LEU A 148 17.98 20.26 -3.08
CA LEU A 148 18.37 21.24 -2.09
C LEU A 148 19.82 21.68 -2.14
N GLY A 149 20.63 21.10 -3.02
CA GLY A 149 22.08 21.41 -3.09
C GLY A 149 22.83 20.80 -1.91
N LEU A 150 22.58 19.51 -1.63
CA LEU A 150 23.29 18.81 -0.61
C LEU A 150 24.47 18.05 -1.10
N LYS A 151 25.40 17.71 -0.18
CA LYS A 151 26.44 16.79 -0.46
C LYS A 151 26.06 15.37 -0.19
N LEU A 152 26.14 14.49 -1.18
CA LEU A 152 25.83 13.11 -0.97
C LEU A 152 27.10 12.35 -1.10
N GLU A 153 27.55 11.81 0.01
CA GLU A 153 28.80 11.03 0.09
C GLU A 153 28.62 9.60 0.39
N PHE A 154 29.54 8.80 -0.02
CA PHE A 154 29.51 7.37 0.01
C PHE A 154 30.67 6.86 0.82
N ILE A 155 30.42 6.04 1.82
CA ILE A 155 31.52 5.37 2.61
C ILE A 155 32.30 4.43 1.66
N GLU A 156 33.64 4.46 1.78
CA GLU A 156 34.41 3.56 1.03
C GLU A 156 34.20 2.15 1.48
N GLY A 157 34.38 1.21 0.57
CA GLY A 157 34.32 -0.19 0.83
C GLY A 157 34.93 -1.02 -0.19
N ASP A 158 35.11 -2.31 0.08
CA ASP A 158 35.67 -3.23 -0.87
C ASP A 158 34.66 -3.97 -1.73
N ASP A 159 35.13 -4.85 -2.58
CA ASP A 159 34.32 -5.56 -3.52
C ASP A 159 33.53 -6.69 -2.94
N GLU A 160 33.80 -7.00 -1.69
CA GLU A 160 33.06 -8.03 -1.01
C GLU A 160 31.89 -7.40 -0.28
N GLY A 161 31.90 -6.10 -0.16
CA GLY A 161 30.87 -5.42 0.58
C GLY A 161 31.31 -4.90 1.96
N ASN A 162 32.53 -5.22 2.36
CA ASN A 162 33.00 -4.75 3.65
C ASN A 162 33.32 -3.29 3.66
N LEU A 163 32.66 -2.53 4.50
CA LEU A 163 32.87 -1.13 4.59
C LEU A 163 34.16 -0.80 5.36
N ASP A 164 34.76 0.34 5.04
CA ASP A 164 35.93 0.85 5.72
C ASP A 164 35.39 1.74 6.84
N LEU A 165 35.38 1.20 8.05
CA LEU A 165 34.88 1.92 9.19
C LEU A 165 35.68 3.17 9.56
N SER A 166 36.96 3.22 9.18
CA SER A 166 37.73 4.45 9.45
C SER A 166 37.22 5.53 8.55
N ASP A 167 36.90 5.17 7.33
CA ASP A 167 36.35 6.14 6.39
C ASP A 167 34.94 6.55 6.84
N ALA A 168 34.14 5.60 7.30
CA ALA A 168 32.83 5.93 7.87
C ALA A 168 32.88 6.95 8.95
N GLU A 169 33.88 6.86 9.90
CA GLU A 169 33.99 7.92 10.90
C GLU A 169 34.30 9.30 10.34
N LYS A 170 35.17 9.34 9.31
CA LYS A 170 35.48 10.62 8.68
C LYS A 170 34.25 11.19 7.97
N LYS A 171 33.50 10.35 7.26
CA LYS A 171 32.37 10.82 6.46
C LYS A 171 31.17 11.23 7.31
N ILE A 172 30.92 10.45 8.37
CA ILE A 172 29.75 10.73 9.23
C ILE A 172 29.94 11.96 10.06
N LYS A 173 31.19 12.26 10.41
CA LYS A 173 31.45 13.52 11.07
C LYS A 173 30.92 14.71 10.22
N GLY A 174 30.06 15.53 10.79
CA GLY A 174 29.49 16.65 10.11
C GLY A 174 28.30 16.30 9.14
N ALA A 175 27.88 15.04 9.13
CA ALA A 175 26.68 14.58 8.39
C ALA A 175 25.40 14.94 9.13
N LYS A 176 24.40 15.42 8.39
CA LYS A 176 23.11 15.67 8.88
C LYS A 176 22.32 14.35 8.96
N LEU A 177 22.55 13.41 8.04
CA LEU A 177 21.80 12.14 7.94
C LEU A 177 22.66 11.09 7.39
N VAL A 178 22.56 9.88 7.88
CA VAL A 178 23.25 8.76 7.42
C VAL A 178 22.21 7.68 7.13
N ALA A 179 22.29 7.05 5.96
CA ALA A 179 21.38 5.97 5.60
C ALA A 179 22.16 4.77 5.17
N VAL A 180 21.85 3.65 5.76
CA VAL A 180 22.51 2.44 5.44
C VAL A 180 21.62 1.20 5.43
N GLN A 181 21.98 0.26 4.59
CA GLN A 181 21.29 -0.98 4.53
C GLN A 181 21.89 -1.87 5.62
N HIS A 182 21.07 -2.73 6.17
CA HIS A 182 21.51 -3.66 7.16
C HIS A 182 22.21 -4.84 6.44
N VAL A 183 21.61 -5.33 5.37
CA VAL A 183 22.08 -6.46 4.65
C VAL A 183 21.96 -6.10 3.14
N SER A 184 22.97 -6.37 2.36
CA SER A 184 22.95 -6.18 0.89
C SER A 184 22.17 -7.26 0.25
N ASN A 185 21.20 -6.82 -0.59
CA ASN A 185 20.43 -7.74 -1.38
C ASN A 185 21.17 -8.38 -2.57
N ALA A 186 22.33 -7.77 -2.97
CA ALA A 186 23.11 -8.21 -4.10
C ALA A 186 24.28 -9.06 -3.61
N LEU A 187 24.91 -8.60 -2.54
CA LEU A 187 26.12 -9.25 -2.04
C LEU A 187 25.98 -10.17 -0.83
N GLY A 188 24.96 -9.96 -0.03
CA GLY A 188 24.75 -10.76 1.14
C GLY A 188 25.56 -10.27 2.34
N VAL A 189 26.25 -9.16 2.18
CA VAL A 189 27.03 -8.64 3.28
C VAL A 189 26.15 -8.08 4.40
N ILE A 190 26.51 -8.40 5.64
CA ILE A 190 25.85 -7.86 6.80
C ILE A 190 26.70 -6.70 7.34
N HIS A 191 26.23 -5.49 7.23
CA HIS A 191 27.02 -4.38 7.71
C HIS A 191 26.98 -4.24 9.22
N GLU A 192 27.95 -3.52 9.73
CA GLU A 192 28.12 -3.25 11.14
C GLU A 192 27.26 -2.09 11.52
N VAL A 193 25.95 -2.28 11.40
CA VAL A 193 25.01 -1.23 11.64
C VAL A 193 25.02 -0.63 13.04
N GLU A 194 25.25 -1.44 14.05
CA GLU A 194 25.31 -0.93 15.41
C GLU A 194 26.48 -0.01 15.49
N GLU A 195 27.63 -0.42 15.00
CA GLU A 195 28.84 0.51 14.99
C GLU A 195 28.61 1.84 14.25
N LEU A 196 28.03 1.73 13.05
CA LEU A 196 27.70 2.93 12.29
C LEU A 196 26.69 3.79 13.01
N GLY A 197 25.71 3.19 13.67
CA GLY A 197 24.73 3.95 14.40
C GLY A 197 25.27 4.67 15.62
N LYS A 198 26.25 4.07 16.25
CA LYS A 198 26.92 4.67 17.38
C LYS A 198 27.71 5.84 16.82
N ILE A 199 28.41 5.67 15.70
CA ILE A 199 29.14 6.78 15.08
C ILE A 199 28.17 7.92 14.78
N ALA A 200 27.05 7.63 14.13
CA ALA A 200 26.12 8.67 13.89
C ALA A 200 25.58 9.39 15.08
N LYS A 201 25.22 8.66 16.12
CA LYS A 201 24.74 9.27 17.33
C LYS A 201 25.80 10.19 17.97
N ASP A 202 27.02 9.76 17.94
CA ASP A 202 28.12 10.64 18.49
C ASP A 202 28.25 11.94 17.74
N GLU A 203 28.09 11.88 16.42
CA GLU A 203 28.23 13.02 15.54
C GLU A 203 27.00 13.87 15.33
N GLY A 204 25.88 13.43 15.84
CA GLY A 204 24.67 14.19 15.75
C GLY A 204 23.91 14.03 14.43
N ALA A 205 24.13 12.91 13.81
CA ALA A 205 23.47 12.61 12.56
C ALA A 205 22.26 11.71 12.76
N ILE A 206 21.22 12.00 12.00
CA ILE A 206 20.00 11.19 11.95
C ILE A 206 20.43 9.84 11.31
N PHE A 207 19.96 8.73 11.81
CA PHE A 207 20.42 7.43 11.39
C PHE A 207 19.22 6.64 10.86
N VAL A 208 19.27 6.34 9.56
CA VAL A 208 18.09 5.71 8.83
C VAL A 208 18.59 4.34 8.45
N VAL A 209 17.88 3.25 8.74
CA VAL A 209 18.28 1.91 8.46
C VAL A 209 17.29 1.21 7.44
N ASP A 210 17.83 0.65 6.33
CA ASP A 210 17.00 -0.16 5.38
C ASP A 210 17.22 -1.58 5.82
N ALA A 211 16.23 -2.14 6.56
CA ALA A 211 16.21 -3.45 7.02
C ALA A 211 15.43 -4.45 6.20
N ALA A 212 15.19 -4.13 4.93
CA ALA A 212 14.39 -5.02 4.11
C ALA A 212 14.88 -6.45 3.97
N GLN A 213 16.20 -6.60 3.96
CA GLN A 213 16.80 -7.92 3.87
C GLN A 213 17.21 -8.61 5.18
N SER A 214 17.11 -7.92 6.26
CA SER A 214 17.44 -8.51 7.58
C SER A 214 16.18 -8.91 8.34
N ALA A 215 15.08 -8.12 8.26
CA ALA A 215 13.91 -8.47 9.04
C ALA A 215 13.45 -9.87 8.73
N GLY A 216 13.21 -10.65 9.79
CA GLY A 216 12.80 -11.98 9.71
C GLY A 216 13.85 -13.10 9.49
N HIS A 217 15.08 -12.61 9.25
CA HIS A 217 16.24 -13.43 9.00
C HIS A 217 17.28 -13.40 10.12
N MET A 218 17.26 -12.34 10.87
CA MET A 218 18.19 -12.11 11.97
C MET A 218 17.58 -11.03 12.84
N GLU A 219 18.15 -10.79 14.02
CA GLU A 219 17.60 -9.78 14.88
C GLU A 219 17.65 -8.38 14.32
N VAL A 220 16.54 -7.69 14.43
CA VAL A 220 16.45 -6.33 14.08
C VAL A 220 15.83 -5.59 15.24
N ASN A 221 16.58 -4.69 15.87
CA ASN A 221 16.13 -3.96 17.07
C ASN A 221 16.53 -2.55 16.99
N VAL A 222 15.58 -1.64 17.03
CA VAL A 222 15.86 -0.28 16.87
C VAL A 222 16.81 0.31 17.89
N LYS A 223 16.67 -0.19 19.13
CA LYS A 223 17.49 0.43 20.20
C LYS A 223 18.89 -0.03 20.04
N LYS A 224 19.12 -1.30 19.77
CA LYS A 224 20.48 -1.81 19.50
C LYS A 224 21.18 -1.18 18.32
N LEU A 225 20.38 -0.94 17.25
CA LEU A 225 20.90 -0.28 16.05
C LEU A 225 21.01 1.19 16.13
N HIS A 226 20.49 1.81 17.15
CA HIS A 226 20.51 3.27 17.27
C HIS A 226 19.74 3.94 16.16
N ALA A 227 18.70 3.28 15.67
CA ALA A 227 17.94 3.85 14.60
C ALA A 227 16.99 4.95 14.97
N ASP A 228 16.94 5.97 14.14
CA ASP A 228 15.99 7.05 14.22
C ASP A 228 14.79 6.73 13.26
N PHE A 229 15.11 6.10 12.15
CA PHE A 229 14.15 5.63 11.16
C PHE A 229 14.59 4.26 10.72
N LEU A 230 13.65 3.36 10.50
CA LEU A 230 13.94 2.01 10.05
C LEU A 230 12.77 1.53 9.17
N ALA A 231 13.10 0.90 8.06
CA ALA A 231 12.12 0.39 7.13
C ALA A 231 12.32 -1.09 6.85
N PHE A 232 11.20 -1.79 6.69
CA PHE A 232 11.22 -3.17 6.29
C PHE A 232 9.95 -3.55 5.48
N SER A 233 10.00 -4.69 4.79
CA SER A 233 8.86 -5.16 3.97
C SER A 233 8.29 -6.43 4.50
N GLY A 234 6.99 -6.50 4.68
CA GLY A 234 6.46 -7.75 5.18
C GLY A 234 6.57 -8.98 4.29
N HIS A 235 6.66 -8.78 2.99
CA HIS A 235 6.69 -9.90 2.06
C HIS A 235 8.00 -10.64 1.93
N LYS A 236 9.02 -10.11 2.56
CA LYS A 236 10.31 -10.73 2.55
C LYS A 236 10.49 -11.66 3.76
N GLY A 237 11.55 -11.48 4.50
CA GLY A 237 11.82 -12.36 5.67
C GLY A 237 10.72 -12.59 6.67
N PRO A 238 9.86 -11.61 6.94
CA PRO A 238 8.75 -11.85 7.88
C PRO A 238 7.64 -12.81 7.48
N MET A 239 7.66 -13.33 6.21
CA MET A 239 6.77 -14.32 5.71
C MET A 239 5.30 -13.79 5.75
N GLY A 240 5.20 -12.49 5.49
CA GLY A 240 3.93 -11.81 5.38
C GLY A 240 3.53 -11.66 3.91
N PRO A 241 2.34 -10.99 3.80
CA PRO A 241 1.81 -10.76 2.47
C PRO A 241 2.45 -9.56 1.77
N THR A 242 2.10 -9.37 0.51
CA THR A 242 2.54 -8.25 -0.21
C THR A 242 1.71 -7.02 0.20
N GLY A 243 2.18 -5.85 -0.16
CA GLY A 243 1.44 -4.63 0.10
C GLY A 243 1.49 -4.09 1.52
N ILE A 244 2.42 -4.59 2.32
CA ILE A 244 2.54 -4.12 3.69
C ILE A 244 4.00 -3.93 4.05
N GLY A 245 4.29 -2.72 4.37
CA GLY A 245 5.61 -2.31 4.77
C GLY A 245 5.53 -1.61 6.10
N VAL A 246 6.68 -1.40 6.70
CA VAL A 246 6.77 -0.70 7.97
C VAL A 246 7.76 0.44 7.91
N LEU A 247 7.42 1.52 8.56
CA LEU A 247 8.30 2.62 8.78
C LEU A 247 8.27 2.90 10.29
N TYR A 248 9.42 2.77 10.91
CA TYR A 248 9.61 3.10 12.31
C TYR A 248 10.10 4.53 12.36
N ILE A 249 9.46 5.32 13.19
CA ILE A 249 9.86 6.72 13.40
C ILE A 249 10.10 6.88 14.90
N ARG A 250 11.34 7.12 15.29
CA ARG A 250 11.61 7.25 16.79
C ARG A 250 10.87 8.53 17.25
N GLU A 251 10.31 8.41 18.51
CA GLU A 251 9.43 9.37 19.08
C GLU A 251 9.99 10.82 19.08
N GLU A 252 11.29 10.93 19.25
CA GLU A 252 11.81 12.28 19.22
C GLU A 252 11.63 13.01 17.91
N PHE A 253 11.26 12.31 16.83
CA PHE A 253 11.00 12.99 15.57
C PHE A 253 9.53 13.25 15.24
N PHE A 254 8.65 12.88 16.16
CA PHE A 254 7.25 12.98 15.92
C PHE A 254 6.75 14.31 15.42
N ASP A 255 7.27 15.40 15.95
CA ASP A 255 6.80 16.73 15.56
C ASP A 255 7.69 17.45 14.55
N THR A 256 8.78 16.81 14.22
CA THR A 256 9.76 17.24 13.26
C THR A 256 9.45 16.66 11.86
N PHE A 257 9.11 15.39 11.81
CA PHE A 257 8.79 14.70 10.56
C PHE A 257 7.45 15.20 10.04
N GLU A 258 7.42 15.72 8.83
CA GLU A 258 6.22 16.26 8.26
C GLU A 258 5.51 15.09 7.50
N PRO A 259 4.25 14.74 7.79
CA PRO A 259 3.67 13.60 7.07
C PRO A 259 3.59 13.90 5.61
N PRO A 260 4.20 13.03 4.75
CA PRO A 260 4.04 13.36 3.35
C PRO A 260 2.66 13.10 2.72
N LEU A 261 1.93 12.19 3.33
CA LEU A 261 0.59 11.83 2.89
C LEU A 261 -0.39 12.17 3.97
N ILE A 262 -1.35 13.02 3.66
CA ILE A 262 -2.32 13.46 4.64
C ILE A 262 -3.73 13.32 4.08
N GLY A 263 -4.67 13.20 5.00
CA GLY A 263 -6.06 13.02 4.60
C GLY A 263 -6.87 12.34 5.60
N GLY A 264 -7.81 11.51 5.17
CA GLY A 264 -8.62 10.74 6.11
C GLY A 264 -7.78 9.97 7.11
N GLY A 265 -8.20 10.04 8.35
CA GLY A 265 -7.53 9.34 9.42
C GLY A 265 -6.39 10.09 10.08
N THR A 266 -5.89 11.15 9.46
CA THR A 266 -4.76 11.89 9.99
C THR A 266 -5.07 13.19 10.75
N ILE A 267 -6.33 13.49 10.88
CA ILE A 267 -6.74 14.72 11.47
C ILE A 267 -7.45 14.68 12.81
N GLU A 268 -7.47 15.87 13.36
CA GLU A 268 -8.17 16.13 14.57
C GLU A 268 -9.29 17.07 14.21
N ASP A 269 -9.03 18.03 13.34
CA ASP A 269 -10.06 18.93 12.88
C ASP A 269 -9.77 19.45 11.51
N VAL A 270 -10.82 19.84 10.80
CA VAL A 270 -10.73 20.29 9.41
C VAL A 270 -11.84 21.28 9.16
N SER A 271 -11.53 22.41 8.52
CA SER A 271 -12.53 23.31 7.99
C SER A 271 -12.13 23.62 6.55
N LEU A 272 -12.95 24.36 5.82
CA LEU A 272 -12.58 24.78 4.48
C LEU A 272 -11.26 25.56 4.44
N ASP A 273 -10.99 26.28 5.57
CA ASP A 273 -9.82 27.13 5.71
C ASP A 273 -8.57 26.41 6.13
N GLY A 274 -8.64 25.19 6.67
CA GLY A 274 -7.40 24.53 7.11
C GLY A 274 -7.59 23.25 7.89
N TYR A 275 -6.52 22.76 8.51
CA TYR A 275 -6.56 21.53 9.23
C TYR A 275 -5.61 21.45 10.38
N LYS A 276 -5.88 20.53 11.31
CA LYS A 276 -5.02 20.18 12.42
C LYS A 276 -4.85 18.61 12.49
N LEU A 277 -3.64 18.15 12.46
CA LEU A 277 -3.33 16.71 12.41
C LEU A 277 -3.47 16.11 13.81
N THR A 278 -3.73 14.81 13.83
CA THR A 278 -3.88 14.02 15.03
C THR A 278 -2.53 13.55 15.52
N GLU A 279 -2.49 12.68 16.51
CA GLU A 279 -1.24 12.21 17.02
C GLU A 279 -0.75 10.92 16.34
N PRO A 280 0.59 10.70 16.50
CA PRO A 280 1.12 9.45 15.93
C PRO A 280 0.51 8.24 16.61
N PRO A 281 0.35 7.13 15.90
CA PRO A 281 0.83 6.89 14.52
C PRO A 281 -0.16 7.28 13.47
N GLU A 282 -1.41 7.52 13.79
CA GLU A 282 -2.42 7.85 12.80
C GLU A 282 -2.10 9.09 11.97
N ARG A 283 -1.33 9.98 12.56
CA ARG A 283 -0.94 11.19 11.90
C ARG A 283 -0.26 10.85 10.57
N PHE A 284 0.41 9.73 10.50
CA PHE A 284 1.17 9.39 9.34
C PHE A 284 0.55 8.39 8.38
N GLU A 285 -0.65 7.94 8.70
CA GLU A 285 -1.36 6.93 7.92
C GLU A 285 -2.59 7.52 7.25
N ALA A 286 -2.45 7.91 5.99
CA ALA A 286 -3.55 8.50 5.27
C ALA A 286 -4.42 7.47 4.55
N GLY A 287 -5.69 7.57 4.83
CA GLY A 287 -6.73 6.70 4.31
C GLY A 287 -6.73 5.33 4.95
N THR A 288 -7.62 4.50 4.39
CA THR A 288 -7.85 3.16 4.99
C THR A 288 -6.54 2.40 4.86
N PRO A 289 -5.98 1.86 5.95
CA PRO A 289 -4.73 1.14 5.86
C PRO A 289 -4.96 -0.20 5.20
N ASN A 290 -3.87 -0.92 4.95
CA ASN A 290 -3.96 -2.26 4.48
C ASN A 290 -4.25 -3.17 5.69
N ILE A 291 -5.49 -3.17 6.12
CA ILE A 291 -5.83 -3.85 7.36
C ILE A 291 -5.54 -5.30 7.23
N GLY A 292 -5.97 -5.98 6.17
CA GLY A 292 -5.63 -7.36 5.91
C GLY A 292 -4.18 -7.61 5.89
N GLY A 293 -3.38 -6.72 5.29
CA GLY A 293 -1.95 -6.96 5.19
C GLY A 293 -1.30 -6.85 6.57
N ALA A 294 -1.75 -5.90 7.37
CA ALA A 294 -1.19 -5.72 8.77
C ALA A 294 -1.48 -7.00 9.55
N ILE A 295 -2.68 -7.52 9.46
CA ILE A 295 -3.04 -8.78 10.12
C ILE A 295 -2.23 -9.93 9.61
N GLY A 296 -1.97 -10.06 8.30
CA GLY A 296 -1.16 -11.08 7.79
C GLY A 296 0.28 -10.89 8.25
N LEU A 297 0.80 -9.70 8.27
CA LEU A 297 2.22 -9.47 8.68
C LEU A 297 2.35 -9.83 10.15
N ALA A 298 1.40 -9.47 10.99
CA ALA A 298 1.45 -9.92 12.44
C ALA A 298 1.39 -11.41 12.49
N ALA A 299 0.67 -12.14 11.69
CA ALA A 299 0.68 -13.59 11.69
C ALA A 299 2.03 -14.08 11.31
N GLY A 300 2.65 -13.47 10.28
CA GLY A 300 3.98 -13.95 9.86
C GLY A 300 4.99 -13.73 10.97
N ILE A 301 4.95 -12.60 11.63
CA ILE A 301 5.90 -12.34 12.80
C ILE A 301 5.60 -13.37 13.88
N ARG A 302 4.37 -13.69 14.19
CA ARG A 302 4.14 -14.71 15.19
C ARG A 302 4.65 -16.07 14.74
N TYR A 303 4.57 -16.37 13.46
CA TYR A 303 5.07 -17.64 12.93
C TYR A 303 6.61 -17.65 13.05
N ILE A 304 7.26 -16.55 12.70
CA ILE A 304 8.70 -16.43 12.83
C ILE A 304 9.14 -16.64 14.32
N GLU A 305 8.38 -16.06 15.23
CA GLU A 305 8.66 -16.14 16.67
C GLU A 305 8.51 -17.58 17.18
N ARG A 306 7.53 -18.32 16.69
CA ARG A 306 7.38 -19.78 16.97
C ARG A 306 8.58 -20.58 16.54
N ILE A 307 9.19 -20.27 15.40
CA ILE A 307 10.36 -20.94 14.94
C ILE A 307 11.50 -20.46 15.74
N GLY A 308 11.68 -19.19 15.89
CA GLY A 308 12.75 -18.50 16.50
C GLY A 308 13.82 -18.02 15.55
N LEU A 309 14.17 -16.79 15.73
CA LEU A 309 15.16 -16.12 14.92
C LEU A 309 16.48 -16.82 14.94
N GLY A 310 16.83 -17.37 16.09
CA GLY A 310 18.08 -18.07 16.21
C GLY A 310 18.11 -19.32 15.38
N ARG A 311 17.03 -20.06 15.35
CA ARG A 311 16.97 -21.25 14.56
C ARG A 311 16.98 -20.88 13.05
N ILE A 312 16.36 -19.77 12.71
CA ILE A 312 16.32 -19.33 11.32
C ILE A 312 17.76 -19.01 10.90
N GLU A 313 18.41 -18.18 11.65
CA GLU A 313 19.82 -17.74 11.34
C GLU A 313 20.74 -19.01 11.24
N ARG A 314 20.60 -19.95 12.16
CA ARG A 314 21.38 -21.17 12.14
C ARG A 314 21.16 -21.99 10.88
N GLN A 315 19.90 -22.14 10.46
CA GLN A 315 19.59 -22.92 9.31
C GLN A 315 20.17 -22.24 8.04
N GLU A 316 19.98 -20.93 7.97
CA GLU A 316 20.47 -20.21 6.82
C GLU A 316 21.99 -20.26 6.69
N HIS A 317 22.70 -20.16 7.83
CA HIS A 317 24.19 -20.32 7.83
C HIS A 317 24.59 -21.71 7.35
N LYS A 318 23.90 -22.79 7.71
CA LYS A 318 24.17 -24.07 7.15
C LYS A 318 24.15 -24.14 5.62
N LEU A 319 23.05 -23.50 5.11
CA LEU A 319 22.84 -23.43 3.70
C LEU A 319 23.91 -22.66 2.98
N VAL A 320 24.29 -21.48 3.47
CA VAL A 320 25.32 -20.66 2.91
C VAL A 320 26.72 -21.34 2.91
N LYS A 321 26.97 -22.02 4.04
CA LYS A 321 28.27 -22.67 4.16
C LYS A 321 28.39 -23.79 3.16
N ARG A 322 27.41 -24.66 2.98
CA ARG A 322 27.43 -25.78 2.07
C ARG A 322 27.46 -25.26 0.63
N THR A 323 26.62 -24.24 0.38
CA THR A 323 26.59 -23.69 -0.96
C THR A 323 27.93 -23.15 -1.39
N THR A 324 28.48 -22.27 -0.58
CA THR A 324 29.74 -21.63 -0.91
C THR A 324 30.89 -22.66 -0.95
N GLU A 325 30.89 -23.64 -0.05
CA GLU A 325 31.91 -24.75 -0.21
C GLU A 325 31.71 -25.54 -1.47
N GLY A 326 30.46 -25.85 -1.86
CA GLY A 326 30.23 -26.58 -3.09
C GLY A 326 30.57 -25.74 -4.34
N LEU A 327 30.35 -24.40 -4.34
CA LEU A 327 30.75 -23.66 -5.49
C LEU A 327 32.29 -23.60 -5.61
N ASP A 328 32.97 -23.48 -4.48
CA ASP A 328 34.45 -23.57 -4.45
C ASP A 328 34.94 -24.86 -5.06
N GLU A 329 34.27 -25.98 -4.82
CA GLU A 329 34.73 -27.25 -5.38
C GLU A 329 34.58 -27.26 -6.92
N LEU A 330 33.53 -26.60 -7.41
CA LEU A 330 33.28 -26.50 -8.86
C LEU A 330 34.00 -25.29 -9.49
N GLU A 331 34.78 -24.55 -8.77
CA GLU A 331 35.45 -23.38 -9.28
C GLU A 331 34.51 -22.35 -9.90
N VAL A 332 33.37 -22.12 -9.23
CA VAL A 332 32.40 -21.10 -9.63
C VAL A 332 32.58 -19.91 -8.72
N PRO A 333 32.94 -18.76 -9.22
CA PRO A 333 33.13 -17.60 -8.39
C PRO A 333 31.84 -17.13 -7.69
N TRP A 334 31.93 -16.77 -6.44
CA TRP A 334 30.80 -16.25 -5.71
C TRP A 334 31.24 -14.95 -5.08
N TYR A 335 30.30 -14.08 -4.79
CA TYR A 335 30.56 -12.77 -4.31
C TYR A 335 30.19 -12.56 -2.85
N GLY A 336 30.63 -11.47 -2.31
CA GLY A 336 30.36 -11.15 -0.95
C GLY A 336 31.43 -11.66 0.01
N PRO A 337 31.15 -11.39 1.33
CA PRO A 337 32.19 -11.76 2.29
C PRO A 337 32.57 -13.19 2.40
N ARG A 338 33.88 -13.45 2.52
CA ARG A 338 34.35 -14.79 2.72
C ARG A 338 34.15 -15.20 4.16
N ASN A 339 34.19 -14.26 5.06
CA ASN A 339 33.87 -14.47 6.45
C ASN A 339 32.35 -14.70 6.55
N LEU A 340 31.97 -15.94 6.79
CA LEU A 340 30.52 -16.34 6.78
C LEU A 340 29.74 -15.78 7.95
N LYS A 341 30.39 -15.27 9.00
CA LYS A 341 29.70 -14.60 10.07
C LYS A 341 29.15 -13.26 9.62
N LYS A 342 29.69 -12.73 8.50
CA LYS A 342 29.25 -11.43 7.94
C LYS A 342 28.45 -11.65 6.63
N HIS A 343 28.03 -12.86 6.37
CA HIS A 343 27.39 -13.27 5.12
C HIS A 343 25.99 -13.77 5.45
N ALA A 344 24.95 -13.07 4.98
CA ALA A 344 23.56 -13.48 5.15
C ALA A 344 23.16 -14.62 4.21
N GLY A 345 21.89 -15.01 4.24
CA GLY A 345 21.44 -16.10 3.41
C GLY A 345 21.22 -15.75 1.93
N VAL A 346 22.25 -15.22 1.35
CA VAL A 346 22.25 -14.77 -0.03
C VAL A 346 23.58 -15.15 -0.64
N VAL A 347 23.56 -15.87 -1.73
CA VAL A 347 24.77 -16.21 -2.42
C VAL A 347 24.69 -15.77 -3.88
N SER A 348 25.32 -14.67 -4.22
CA SER A 348 25.48 -14.29 -5.63
C SER A 348 26.69 -15.00 -6.24
N PHE A 349 26.60 -15.38 -7.50
CA PHE A 349 27.68 -16.14 -8.19
C PHE A 349 27.55 -15.94 -9.69
N ASN A 350 28.52 -16.45 -10.43
CA ASN A 350 28.46 -16.43 -11.91
C ASN A 350 29.14 -17.70 -12.41
N VAL A 351 28.65 -18.28 -13.48
CA VAL A 351 29.31 -19.40 -14.15
C VAL A 351 30.17 -18.79 -15.28
N PRO A 352 31.51 -18.98 -15.21
CA PRO A 352 32.35 -18.44 -16.29
C PRO A 352 31.89 -18.90 -17.69
N GLY A 353 31.72 -17.94 -18.58
CA GLY A 353 31.20 -18.20 -19.93
C GLY A 353 29.71 -18.46 -20.10
N LEU A 354 28.86 -18.16 -19.10
CA LEU A 354 27.38 -18.17 -19.26
C LEU A 354 26.81 -16.88 -18.68
N HIS A 355 25.87 -16.29 -19.38
CA HIS A 355 25.19 -15.10 -18.91
C HIS A 355 24.30 -15.61 -17.72
N PRO A 356 24.17 -14.73 -16.70
CA PRO A 356 23.34 -15.15 -15.56
C PRO A 356 21.91 -15.46 -15.84
N HIS A 357 21.28 -14.84 -16.87
CA HIS A 357 19.93 -15.29 -17.22
C HIS A 357 19.84 -16.74 -17.76
N ASP A 358 20.88 -17.15 -18.48
CA ASP A 358 20.95 -18.56 -18.96
C ASP A 358 21.08 -19.59 -17.85
N VAL A 359 21.92 -19.23 -16.87
CA VAL A 359 22.07 -20.10 -15.65
C VAL A 359 20.73 -20.24 -14.94
N ALA A 360 20.06 -19.06 -14.76
CA ALA A 360 18.75 -19.05 -14.15
C ALA A 360 17.67 -19.89 -14.80
N ALA A 361 17.68 -19.78 -16.19
CA ALA A 361 16.81 -20.57 -17.01
C ALA A 361 17.04 -22.07 -16.95
N ILE A 362 18.31 -22.43 -16.92
CA ILE A 362 18.68 -23.84 -16.76
C ILE A 362 18.27 -24.42 -15.41
N LEU A 363 18.48 -23.60 -14.38
CA LEU A 363 18.06 -23.99 -13.05
C LEU A 363 16.52 -24.09 -13.00
N ASP A 364 15.81 -23.18 -13.66
CA ASP A 364 14.37 -23.20 -13.67
C ASP A 364 13.87 -24.49 -14.28
N ASP A 365 14.54 -24.94 -15.31
CA ASP A 365 14.20 -26.27 -15.85
C ASP A 365 14.27 -27.41 -14.86
N HIS A 366 15.14 -27.27 -13.88
CA HIS A 366 15.24 -28.27 -12.84
C HIS A 366 14.38 -27.93 -11.61
N SER A 367 13.44 -26.98 -11.76
CA SER A 367 12.55 -26.56 -10.69
C SER A 367 13.29 -25.86 -9.58
N ILE A 368 14.40 -25.22 -9.89
CA ILE A 368 15.11 -24.44 -8.94
C ILE A 368 14.92 -22.95 -9.33
N MET A 369 14.35 -22.17 -8.39
CA MET A 369 14.07 -20.76 -8.68
C MET A 369 15.13 -19.83 -8.14
N VAL A 370 15.81 -19.10 -8.99
CA VAL A 370 16.81 -18.17 -8.59
C VAL A 370 16.61 -16.91 -9.40
N ARG A 371 17.25 -15.85 -8.99
CA ARG A 371 17.18 -14.59 -9.71
C ARG A 371 18.47 -14.23 -10.38
N SER A 372 18.34 -13.54 -11.48
CA SER A 372 19.47 -13.07 -12.25
C SER A 372 19.37 -11.61 -12.62
N GLY A 373 20.51 -11.02 -12.77
CA GLY A 373 20.65 -9.67 -13.22
C GLY A 373 21.28 -8.75 -12.25
N HIS A 374 20.92 -7.46 -12.26
CA HIS A 374 21.54 -6.43 -11.44
C HIS A 374 20.94 -6.28 -10.00
N HIS A 375 19.79 -6.94 -9.81
CA HIS A 375 19.14 -6.93 -8.50
C HIS A 375 18.84 -5.59 -7.92
N ALA A 377 20.59 -2.99 -7.88
CA ALA A 377 21.77 -2.47 -7.24
C ALA A 377 22.86 -2.32 -8.30
N LEU A 378 22.54 -1.57 -9.29
CA LEU A 378 23.45 -1.27 -10.38
C LEU A 378 24.80 -0.73 -9.93
N PRO A 379 24.86 0.17 -8.93
CA PRO A 379 26.21 0.61 -8.47
C PRO A 379 27.07 -0.50 -7.89
N VAL A 380 26.51 -1.52 -7.31
CA VAL A 380 27.31 -2.70 -6.93
C VAL A 380 27.88 -3.36 -8.18
N MET A 381 27.07 -3.58 -9.25
CA MET A 381 27.49 -4.29 -10.42
C MET A 381 28.58 -3.46 -11.06
N LYS A 382 28.43 -2.13 -11.04
CA LYS A 382 29.43 -1.29 -11.72
C LYS A 382 30.75 -1.25 -10.94
N LYS A 383 30.65 -1.25 -9.62
CA LYS A 383 31.87 -1.26 -8.78
C LYS A 383 32.62 -2.54 -9.02
N LEU A 384 31.93 -3.68 -9.18
CA LEU A 384 32.57 -5.02 -9.36
C LEU A 384 33.05 -5.27 -10.80
N GLY A 385 32.60 -4.45 -11.75
CA GLY A 385 32.93 -4.64 -13.17
C GLY A 385 32.21 -5.76 -13.85
N ILE A 386 30.95 -6.05 -13.41
CA ILE A 386 30.15 -7.14 -13.92
C ILE A 386 28.77 -6.62 -14.35
N ASN A 387 28.06 -7.38 -15.17
CA ASN A 387 26.73 -6.90 -15.61
C ASN A 387 25.63 -7.38 -14.70
N GLY A 388 25.91 -8.39 -13.92
CA GLY A 388 24.92 -8.93 -13.01
C GLY A 388 25.41 -10.23 -12.45
N THR A 389 24.55 -10.92 -11.70
CA THR A 389 24.88 -12.20 -11.10
C THR A 389 23.69 -13.12 -11.04
N VAL A 390 23.91 -14.37 -10.73
CA VAL A 390 22.88 -15.34 -10.46
C VAL A 390 22.79 -15.27 -8.93
N ARG A 391 21.60 -15.34 -8.34
CA ARG A 391 21.48 -15.17 -6.88
C ARG A 391 20.56 -16.21 -6.35
N ALA A 392 21.11 -16.96 -5.42
CA ALA A 392 20.38 -17.92 -4.66
C ALA A 392 20.24 -17.36 -3.24
N SER A 393 19.03 -17.35 -2.72
CA SER A 393 18.79 -16.83 -1.41
C SER A 393 17.83 -17.72 -0.67
N PHE A 394 18.04 -17.81 0.63
CA PHE A 394 17.35 -18.74 1.47
C PHE A 394 16.42 -18.22 2.57
N HIS A 395 15.65 -19.13 3.09
CA HIS A 395 14.89 -18.95 4.27
C HIS A 395 14.95 -20.28 5.07
N VAL A 396 14.40 -20.26 6.26
CA VAL A 396 14.44 -21.40 7.15
C VAL A 396 13.78 -22.67 6.63
N TYR A 397 12.88 -22.56 5.66
CA TYR A 397 12.24 -23.72 5.06
C TYR A 397 13.09 -24.39 3.97
N ASN A 398 14.18 -23.76 3.63
CA ASN A 398 15.06 -24.33 2.64
C ASN A 398 15.93 -25.40 3.36
N SER A 399 16.28 -26.43 2.63
CA SER A 399 17.03 -27.55 3.19
C SER A 399 18.38 -27.88 2.59
N LEU A 400 19.19 -28.55 3.37
CA LEU A 400 20.43 -28.99 2.80
C LEU A 400 20.25 -29.95 1.64
N GLU A 401 19.21 -30.81 1.60
CA GLU A 401 18.91 -31.70 0.50
C GLU A 401 18.69 -30.85 -0.80
N GLU A 402 17.96 -29.73 -0.62
CA GLU A 402 17.80 -28.80 -1.78
C GLU A 402 19.10 -28.26 -2.28
N VAL A 403 19.97 -27.89 -1.37
CA VAL A 403 21.28 -27.36 -1.73
C VAL A 403 22.09 -28.42 -2.48
N GLU A 404 22.06 -29.68 -1.97
CA GLU A 404 22.69 -30.77 -2.73
C GLU A 404 22.16 -31.01 -4.12
N THR A 405 20.84 -30.94 -4.29
CA THR A 405 20.25 -31.00 -5.60
C THR A 405 20.71 -29.83 -6.49
N PHE A 406 20.79 -28.63 -5.94
CA PHE A 406 21.30 -27.49 -6.66
C PHE A 406 22.73 -27.68 -7.09
N LEU A 407 23.57 -28.15 -6.19
CA LEU A 407 24.95 -28.36 -6.55
C LEU A 407 25.19 -29.46 -7.59
N GLY A 408 24.36 -30.48 -7.58
CA GLY A 408 24.38 -31.50 -8.64
C GLY A 408 24.09 -30.92 -10.00
N VAL A 409 23.09 -30.04 -10.07
CA VAL A 409 22.69 -29.42 -11.34
C VAL A 409 23.83 -28.50 -11.79
N MET A 410 24.42 -27.77 -10.83
CA MET A 410 25.51 -26.91 -11.09
C MET A 410 26.76 -27.70 -11.65
N GLU A 411 27.02 -28.86 -11.05
CA GLU A 411 28.12 -29.68 -11.46
C GLU A 411 27.93 -30.13 -12.91
N GLU A 412 26.76 -30.62 -13.25
CA GLU A 412 26.47 -31.08 -14.59
C GLU A 412 26.65 -29.90 -15.57
N LEU A 413 26.19 -28.71 -15.18
CA LEU A 413 26.30 -27.53 -15.98
C LEU A 413 27.72 -27.18 -16.24
N VAL A 414 28.55 -27.22 -15.21
CA VAL A 414 29.98 -26.89 -15.33
C VAL A 414 30.75 -27.98 -16.14
N LYS A 415 30.45 -29.24 -15.89
CA LYS A 415 31.02 -30.34 -16.66
C LYS A 415 30.65 -30.30 -18.14
N GLY A 416 29.41 -29.89 -18.44
CA GLY A 416 28.96 -29.67 -19.83
C GLY A 416 29.74 -28.59 -20.53
N LEU A 417 30.15 -27.58 -19.77
CA LEU A 417 30.91 -26.39 -20.18
C LEU A 417 29.88 -25.34 -20.63
N GLY B 16 -15.53 -11.45 -17.97
CA GLY B 16 -16.07 -10.09 -17.73
C GLY B 16 -17.41 -9.84 -18.40
N HIS B 17 -18.29 -10.85 -18.47
CA HIS B 17 -19.64 -10.74 -19.04
C HIS B 17 -20.66 -10.95 -17.97
N MET B 18 -21.78 -10.25 -18.10
CA MET B 18 -22.83 -10.43 -17.18
C MET B 18 -23.41 -11.83 -17.30
N ALA B 19 -23.92 -12.31 -16.21
CA ALA B 19 -24.56 -13.59 -16.19
C ALA B 19 -25.96 -13.47 -15.63
N SER B 20 -26.75 -14.51 -15.82
CA SER B 20 -28.08 -14.59 -15.26
C SER B 20 -27.96 -14.78 -13.75
N MET B 21 -28.61 -13.96 -12.96
CA MET B 21 -28.53 -14.05 -11.53
C MET B 21 -29.69 -13.45 -10.80
N ARG B 22 -29.97 -14.00 -9.65
CA ARG B 22 -30.98 -13.46 -8.80
C ARG B 22 -30.26 -12.44 -7.89
N ILE B 23 -30.68 -11.20 -7.91
CA ILE B 23 -30.12 -10.16 -7.05
C ILE B 23 -31.16 -9.86 -6.02
N PRO B 24 -30.86 -9.84 -4.67
CA PRO B 24 -29.48 -10.02 -4.23
C PRO B 24 -28.97 -11.43 -3.83
N GLU B 25 -29.88 -12.38 -3.85
CA GLU B 25 -29.58 -13.71 -3.40
C GLU B 25 -28.35 -14.39 -3.89
N ASP B 26 -28.08 -14.33 -5.16
CA ASP B 26 -26.93 -15.06 -5.72
C ASP B 26 -25.58 -14.34 -5.40
N VAL B 27 -25.62 -13.12 -4.95
CA VAL B 27 -24.43 -12.44 -4.43
C VAL B 27 -24.20 -12.84 -2.97
N ARG B 28 -25.24 -12.81 -2.17
CA ARG B 28 -25.23 -13.10 -0.75
C ARG B 28 -24.70 -14.50 -0.50
N LYS B 29 -24.92 -15.43 -1.40
CA LYS B 29 -24.42 -16.77 -1.22
C LYS B 29 -22.91 -16.88 -1.19
N ASP B 30 -22.22 -15.87 -1.70
CA ASP B 30 -20.78 -15.85 -1.70
C ASP B 30 -20.16 -15.03 -0.56
N ILE B 31 -20.98 -14.48 0.31
CA ILE B 31 -20.54 -13.64 1.41
C ILE B 31 -21.12 -14.13 2.74
N PRO B 32 -20.34 -14.93 3.45
CA PRO B 32 -20.87 -15.51 4.66
C PRO B 32 -21.31 -14.55 5.69
N LEU B 33 -20.69 -13.37 5.84
CA LEU B 33 -21.17 -12.40 6.80
C LEU B 33 -22.62 -11.91 6.60
N THR B 34 -23.16 -12.01 5.40
CA THR B 34 -24.58 -11.60 5.22
C THR B 34 -25.52 -12.50 5.95
N ASN B 35 -25.07 -13.66 6.36
CA ASN B 35 -25.87 -14.57 7.16
C ASN B 35 -25.81 -14.21 8.60
N GLU B 36 -24.87 -13.34 9.01
CA GLU B 36 -24.70 -13.01 10.41
C GLU B 36 -25.07 -11.63 10.86
N VAL B 37 -24.94 -10.68 9.96
CA VAL B 37 -25.27 -9.32 10.28
C VAL B 37 -25.96 -8.63 9.06
N ILE B 38 -26.59 -7.48 9.30
CA ILE B 38 -27.15 -6.65 8.26
C ILE B 38 -26.05 -5.59 8.12
N TYR B 39 -25.26 -5.70 7.07
CA TYR B 39 -24.13 -4.81 6.87
C TYR B 39 -24.49 -3.59 5.99
N PHE B 40 -24.64 -2.48 6.68
CA PHE B 40 -24.98 -1.19 6.08
C PHE B 40 -23.84 -0.18 6.26
N ASP B 41 -22.62 -0.65 6.14
CA ASP B 41 -21.45 0.25 6.27
C ASP B 41 -20.53 0.12 5.07
N ASN B 42 -21.16 -0.03 3.91
CA ASN B 42 -20.45 -0.24 2.63
C ASN B 42 -19.62 0.99 2.19
N THR B 43 -19.98 2.17 2.60
CA THR B 43 -19.19 3.40 2.28
C THR B 43 -17.84 3.27 2.92
N ALA B 44 -17.72 2.66 4.12
CA ALA B 44 -16.46 2.52 4.81
C ALA B 44 -15.65 1.46 4.13
N THR B 45 -16.27 0.35 3.84
CA THR B 45 -15.61 -0.73 3.14
C THR B 45 -16.68 -1.76 2.79
N SER B 46 -16.48 -2.46 1.70
CA SER B 46 -17.41 -3.50 1.35
C SER B 46 -17.08 -4.83 2.01
N LEU B 47 -18.03 -5.75 1.95
CA LEU B 47 -17.80 -7.11 2.36
C LEU B 47 -17.16 -7.73 1.12
N THR B 48 -16.47 -8.82 1.29
CA THR B 48 -15.68 -9.44 0.26
C THR B 48 -16.17 -10.84 -0.11
N PRO B 49 -16.49 -11.07 -1.36
CA PRO B 49 -16.98 -12.40 -1.77
C PRO B 49 -15.86 -13.44 -1.73
N LYS B 50 -16.30 -14.67 -1.55
CA LYS B 50 -15.33 -15.78 -1.52
C LYS B 50 -14.49 -15.91 -2.70
N PRO B 51 -15.00 -15.68 -3.90
CA PRO B 51 -14.12 -15.78 -5.06
C PRO B 51 -12.94 -14.80 -5.10
N VAL B 52 -13.07 -13.67 -4.46
CA VAL B 52 -12.00 -12.71 -4.41
C VAL B 52 -10.90 -13.23 -3.45
N VAL B 53 -11.34 -13.78 -2.34
CA VAL B 53 -10.44 -14.37 -1.38
C VAL B 53 -9.71 -15.56 -2.03
N GLU B 54 -10.43 -16.40 -2.77
CA GLU B 54 -9.86 -17.51 -3.46
C GLU B 54 -8.82 -17.13 -4.45
N ALA B 55 -9.04 -16.00 -5.20
CA ALA B 55 -8.07 -15.61 -6.13
C ALA B 55 -6.71 -15.20 -5.53
N MET B 56 -6.83 -14.53 -4.42
CA MET B 56 -5.69 -14.07 -3.67
C MET B 56 -4.94 -15.24 -3.02
N ASP B 57 -5.70 -16.18 -2.50
CA ASP B 57 -5.14 -17.38 -1.87
C ASP B 57 -4.37 -18.17 -2.92
N GLU B 58 -4.81 -18.14 -4.17
CA GLU B 58 -4.14 -18.84 -5.23
C GLU B 58 -2.75 -18.25 -5.48
N TYR B 59 -2.67 -16.94 -5.45
CA TYR B 59 -1.39 -16.31 -5.61
C TYR B 59 -0.46 -16.74 -4.45
N TYR B 60 -0.94 -16.58 -3.24
CA TYR B 60 -0.13 -16.84 -2.08
C TYR B 60 0.30 -18.27 -1.94
N LEU B 61 -0.54 -19.21 -2.34
CA LEU B 61 -0.20 -20.61 -2.17
C LEU B 61 0.26 -21.40 -3.39
N LYS B 62 -0.05 -20.89 -4.57
CA LYS B 62 0.30 -21.56 -5.81
C LYS B 62 1.26 -20.91 -6.77
N TYR B 63 1.39 -19.59 -6.75
CA TYR B 63 2.32 -18.93 -7.64
C TYR B 63 3.01 -17.72 -7.02
N ARG B 64 3.37 -17.87 -5.77
CA ARG B 64 3.98 -16.82 -5.01
C ARG B 64 5.36 -16.44 -5.48
N ALA B 65 5.49 -15.19 -5.88
CA ALA B 65 6.74 -14.67 -6.31
C ALA B 65 6.62 -13.19 -6.54
N ASN B 66 7.76 -12.55 -6.73
CA ASN B 66 7.85 -11.16 -7.05
C ASN B 66 7.69 -11.03 -8.58
N VAL B 67 7.43 -9.83 -9.05
CA VAL B 67 7.19 -9.62 -10.46
C VAL B 67 8.40 -9.14 -11.19
N HIS B 68 8.23 -8.25 -12.12
CA HIS B 68 9.36 -7.71 -12.87
C HIS B 68 10.13 -8.71 -13.70
N ARG B 69 9.39 -9.64 -14.29
CA ARG B 69 9.88 -10.65 -15.19
C ARG B 69 11.16 -11.36 -14.80
N GLY B 70 11.22 -11.84 -13.59
CA GLY B 70 12.34 -12.64 -13.15
C GLY B 70 12.30 -13.86 -14.04
N VAL B 71 13.45 -14.43 -14.27
CA VAL B 71 13.53 -15.53 -15.16
C VAL B 71 12.67 -16.72 -14.82
N HIS B 72 12.50 -17.05 -13.56
CA HIS B 72 11.84 -18.25 -13.15
C HIS B 72 10.37 -18.35 -13.32
N ARG B 73 9.87 -19.55 -13.37
CA ARG B 73 8.47 -19.77 -13.64
C ARG B 73 7.51 -19.15 -12.72
N LEU B 74 7.84 -19.10 -11.44
CA LEU B 74 6.84 -18.48 -10.49
C LEU B 74 6.83 -16.97 -10.73
N SER B 75 7.91 -16.29 -11.00
CA SER B 75 7.97 -14.89 -11.28
C SER B 75 7.22 -14.66 -12.58
N GLN B 76 7.40 -15.56 -13.53
CA GLN B 76 6.68 -15.31 -14.83
C GLN B 76 5.22 -15.36 -14.62
N MET B 77 4.72 -16.28 -13.82
CA MET B 77 3.28 -16.48 -13.59
C MET B 77 2.79 -15.24 -12.80
N ALA B 78 3.48 -14.88 -11.75
CA ALA B 78 3.11 -13.66 -10.97
C ALA B 78 3.07 -12.40 -11.82
N THR B 79 4.08 -12.20 -12.64
CA THR B 79 4.17 -11.04 -13.53
C THR B 79 2.97 -11.09 -14.51
N HIS B 80 2.69 -12.23 -15.12
CA HIS B 80 1.51 -12.30 -16.04
C HIS B 80 0.27 -11.95 -15.34
N LYS B 81 -0.01 -12.48 -14.12
CA LYS B 81 -1.25 -12.21 -13.40
C LYS B 81 -1.27 -10.72 -12.94
N TYR B 82 -0.16 -10.12 -12.57
CA TYR B 82 -0.12 -8.71 -12.19
C TYR B 82 -0.44 -7.81 -13.39
N GLU B 83 0.18 -8.07 -14.52
CA GLU B 83 -0.15 -7.35 -15.80
C GLU B 83 -1.58 -7.60 -16.15
N GLU B 84 -2.10 -8.81 -16.09
CA GLU B 84 -3.55 -9.08 -16.35
C GLU B 84 -4.45 -8.15 -15.48
N SER B 85 -4.09 -8.03 -14.20
CA SER B 85 -4.89 -7.29 -13.24
C SER B 85 -4.83 -5.82 -13.65
N ARG B 86 -3.72 -5.27 -14.05
CA ARG B 86 -3.68 -3.91 -14.48
C ARG B 86 -4.57 -3.71 -15.72
N LYS B 87 -4.52 -4.65 -16.66
CA LYS B 87 -5.43 -4.55 -17.84
C LYS B 87 -6.84 -4.58 -17.43
N ILE B 88 -7.27 -5.44 -16.53
CA ILE B 88 -8.64 -5.53 -16.09
C ILE B 88 -9.07 -4.16 -15.48
N VAL B 89 -8.21 -3.55 -14.64
CA VAL B 89 -8.55 -2.27 -14.03
C VAL B 89 -8.67 -1.20 -15.15
N ALA B 90 -7.74 -1.20 -16.05
CA ALA B 90 -7.78 -0.23 -17.20
C ALA B 90 -9.08 -0.37 -17.94
N ASP B 91 -9.44 -1.56 -18.32
CA ASP B 91 -10.67 -1.74 -19.05
C ASP B 91 -11.91 -1.33 -18.26
N PHE B 92 -11.91 -1.54 -16.96
CA PHE B 92 -13.05 -1.21 -16.12
C PHE B 92 -13.38 0.28 -16.17
N ILE B 93 -12.36 1.12 -16.28
CA ILE B 93 -12.53 2.57 -16.32
C ILE B 93 -12.30 3.24 -17.66
N GLY B 94 -12.08 2.42 -18.65
CA GLY B 94 -11.91 2.96 -20.02
C GLY B 94 -10.56 3.54 -20.24
N ALA B 95 -9.49 3.18 -19.53
CA ALA B 95 -8.15 3.70 -19.70
C ALA B 95 -7.26 2.74 -20.50
N LYS B 96 -6.11 3.21 -20.85
CA LYS B 96 -5.06 2.35 -21.44
C LYS B 96 -4.32 1.70 -20.26
N PHE B 97 -3.74 0.55 -20.55
CA PHE B 97 -2.85 -0.16 -19.57
C PHE B 97 -1.89 0.75 -18.93
N GLU B 98 -1.13 1.55 -19.66
CA GLU B 98 -0.07 2.32 -19.11
C GLU B 98 -0.45 3.53 -18.22
N GLU B 99 -1.75 3.82 -18.27
CA GLU B 99 -2.26 4.95 -17.51
C GLU B 99 -2.71 4.54 -16.08
N ILE B 100 -2.60 3.25 -15.76
CA ILE B 100 -3.01 2.73 -14.42
C ILE B 100 -1.83 2.54 -13.50
N VAL B 101 -1.85 3.22 -12.35
CA VAL B 101 -0.81 3.07 -11.31
C VAL B 101 -1.50 2.48 -10.08
N PHE B 102 -0.89 1.47 -9.46
CA PHE B 102 -1.38 0.96 -8.21
C PHE B 102 -0.75 1.68 -7.04
N THR B 103 -1.61 1.98 -6.08
CA THR B 103 -1.31 2.66 -4.84
C THR B 103 -1.92 1.86 -3.67
N LYS B 104 -1.88 2.41 -2.47
CA LYS B 104 -2.47 1.68 -1.35
C LYS B 104 -3.95 1.96 -1.12
N ASN B 105 -4.38 3.10 -1.59
CA ASN B 105 -5.76 3.56 -1.42
C ASN B 105 -5.98 4.88 -2.17
N THR B 106 -7.22 5.35 -2.14
CA THR B 106 -7.56 6.63 -2.82
C THR B 106 -6.77 7.75 -2.25
N SER B 107 -6.61 7.75 -0.93
CA SER B 107 -5.92 8.84 -0.22
C SER B 107 -4.46 8.95 -0.74
N GLU B 108 -3.74 7.85 -0.85
CA GLU B 108 -2.39 7.85 -1.43
C GLU B 108 -2.49 8.43 -2.87
N SER B 109 -3.42 7.91 -3.69
CA SER B 109 -3.53 8.41 -5.05
C SER B 109 -3.72 9.92 -5.15
N LEU B 110 -4.58 10.50 -4.32
CA LEU B 110 -4.80 11.96 -4.41
C LEU B 110 -3.63 12.76 -3.88
N ASN B 111 -2.97 12.26 -2.86
CA ASN B 111 -1.73 12.90 -2.38
C ASN B 111 -0.69 12.85 -3.49
N LEU B 112 -0.56 11.72 -4.20
CA LEU B 112 0.43 11.62 -5.31
C LEU B 112 0.13 12.64 -6.38
N VAL B 113 -1.12 12.88 -6.69
CA VAL B 113 -1.44 13.90 -7.69
C VAL B 113 -0.92 15.25 -7.23
N ALA B 114 -1.26 15.63 -6.02
CA ALA B 114 -0.84 16.97 -5.54
C ALA B 114 0.70 17.00 -5.47
N LEU B 115 1.41 15.96 -5.02
CA LEU B 115 2.85 16.04 -4.90
C LEU B 115 3.40 16.04 -6.29
N GLY B 116 2.90 15.26 -7.23
CA GLY B 116 3.46 15.19 -8.55
C GLY B 116 3.20 16.35 -9.48
N LEU B 117 2.21 17.16 -9.15
CA LEU B 117 1.88 18.33 -9.93
C LEU B 117 2.26 19.63 -9.25
N GLY B 118 2.76 19.59 -8.04
CA GLY B 118 3.05 20.80 -7.32
C GLY B 118 3.90 21.79 -8.08
N HIS B 119 4.83 21.26 -8.81
CA HIS B 119 5.80 22.10 -9.60
C HIS B 119 5.12 22.91 -10.67
N ILE B 120 3.89 22.60 -11.12
CA ILE B 120 3.27 23.35 -12.20
C ILE B 120 2.68 24.68 -11.73
N PHE B 121 2.46 24.83 -10.47
CA PHE B 121 1.77 25.98 -9.94
C PHE B 121 2.66 27.19 -9.70
N LYS B 122 2.06 28.36 -9.89
CA LYS B 122 2.71 29.64 -9.67
C LYS B 122 1.91 30.35 -8.60
N ARG B 123 2.54 31.17 -7.78
CA ARG B 123 1.84 31.96 -6.76
C ARG B 123 0.64 32.65 -7.40
N GLY B 124 -0.51 32.58 -6.73
CA GLY B 124 -1.74 33.10 -7.23
C GLY B 124 -2.60 32.28 -8.16
N ASP B 125 -2.09 31.12 -8.58
CA ASP B 125 -2.90 30.20 -9.39
C ASP B 125 -4.04 29.68 -8.47
N LYS B 126 -5.06 29.22 -9.12
CA LYS B 126 -6.28 28.80 -8.51
C LYS B 126 -6.60 27.32 -8.64
N ILE B 127 -7.03 26.76 -7.53
CA ILE B 127 -7.50 25.37 -7.46
C ILE B 127 -8.96 25.45 -7.03
N VAL B 128 -9.83 24.73 -7.70
CA VAL B 128 -11.28 24.73 -7.38
C VAL B 128 -11.65 23.30 -6.92
N THR B 129 -12.46 23.23 -5.86
CA THR B 129 -13.03 21.96 -5.45
C THR B 129 -14.44 22.21 -4.94
N THR B 130 -15.07 21.18 -4.39
CA THR B 130 -16.42 21.30 -3.78
C THR B 130 -16.28 21.55 -2.29
N PRO B 131 -17.36 21.97 -1.66
CA PRO B 131 -17.31 22.12 -0.22
C PRO B 131 -17.67 20.86 0.47
N TYR B 132 -17.83 19.76 -0.22
CA TYR B 132 -18.26 18.55 0.43
C TYR B 132 -17.25 17.44 0.42
N GLU B 133 -16.03 17.80 0.09
CA GLU B 133 -15.01 16.82 -0.02
C GLU B 133 -14.60 16.06 1.25
N HIS B 134 -14.29 14.78 1.08
CA HIS B 134 -13.73 13.96 2.12
C HIS B 134 -12.33 14.59 2.36
N HIS B 135 -11.80 14.45 3.54
CA HIS B 135 -10.52 15.06 3.91
C HIS B 135 -9.40 14.66 2.95
N SER B 136 -9.43 13.47 2.38
CA SER B 136 -8.35 13.07 1.48
C SER B 136 -8.35 13.81 0.15
N ASP B 137 -9.47 14.40 -0.20
CA ASP B 137 -9.55 15.23 -1.40
C ASP B 137 -9.61 16.72 -1.03
N LEU B 138 -9.18 17.06 0.15
CA LEU B 138 -9.16 18.44 0.60
C LEU B 138 -7.80 18.84 1.11
N LEU B 139 -7.30 18.12 2.10
CA LEU B 139 -6.04 18.44 2.71
C LEU B 139 -4.89 18.55 1.76
N PRO B 140 -4.70 17.62 0.79
CA PRO B 140 -3.58 17.84 -0.09
C PRO B 140 -3.64 19.17 -0.83
N TRP B 141 -4.82 19.63 -1.19
CA TRP B 141 -4.97 20.86 -1.92
C TRP B 141 -4.76 22.04 -0.99
N GLN B 142 -5.23 21.91 0.25
CA GLN B 142 -4.96 22.95 1.28
C GLN B 142 -3.54 23.13 1.55
N ARG B 143 -2.77 22.08 1.71
CA ARG B 143 -1.33 22.11 1.94
C ARG B 143 -0.66 22.76 0.79
N LEU B 144 -0.98 22.37 -0.44
CA LEU B 144 -0.29 22.89 -1.65
C LEU B 144 -0.59 24.38 -1.71
N ALA B 145 -1.84 24.76 -1.48
CA ALA B 145 -2.24 26.19 -1.59
C ALA B 145 -1.53 27.04 -0.53
N THR B 146 -1.37 26.51 0.67
CA THR B 146 -0.70 27.22 1.79
C THR B 146 0.77 27.34 1.42
N LYS B 147 1.42 26.27 1.00
CA LYS B 147 2.83 26.32 0.66
C LYS B 147 3.25 27.24 -0.46
N LEU B 148 2.50 27.23 -1.53
CA LEU B 148 2.80 27.95 -2.71
C LEU B 148 2.07 29.26 -2.91
N GLY B 149 1.16 29.61 -2.04
CA GLY B 149 0.41 30.85 -2.16
C GLY B 149 -0.66 30.81 -3.23
N LEU B 150 -1.44 29.74 -3.25
CA LEU B 150 -2.45 29.57 -4.25
C LEU B 150 -3.80 29.97 -3.68
N LYS B 151 -4.73 30.17 -4.58
CA LYS B 151 -6.09 30.41 -4.22
C LYS B 151 -6.84 29.06 -4.26
N LEU B 152 -7.52 28.70 -3.19
CA LEU B 152 -8.31 27.47 -3.13
C LEU B 152 -9.74 27.92 -3.00
N GLU B 153 -10.54 27.72 -4.02
CA GLU B 153 -11.92 28.13 -4.03
C GLU B 153 -12.84 26.93 -4.02
N PHE B 154 -14.05 27.15 -3.59
CA PHE B 154 -15.03 26.13 -3.45
C PHE B 154 -16.27 26.48 -4.19
N ILE B 155 -16.77 25.59 -5.01
CA ILE B 155 -18.00 25.82 -5.78
C ILE B 155 -19.16 25.95 -4.81
N GLU B 156 -20.11 26.83 -5.10
CA GLU B 156 -21.24 26.98 -4.20
C GLU B 156 -22.20 25.83 -4.36
N GLY B 157 -22.87 25.54 -3.28
CA GLY B 157 -23.87 24.51 -3.30
C GLY B 157 -24.78 24.58 -2.09
N ASP B 158 -25.82 23.78 -2.14
CA ASP B 158 -26.82 23.72 -1.10
C ASP B 158 -26.59 22.65 -0.04
N ASP B 159 -27.44 22.59 0.94
CA ASP B 159 -27.26 21.66 2.04
C ASP B 159 -27.52 20.22 1.67
N GLU B 160 -28.09 19.98 0.52
CA GLU B 160 -28.36 18.66 0.04
C GLU B 160 -27.16 18.15 -0.72
N GLY B 161 -26.22 19.01 -1.02
CA GLY B 161 -25.07 18.66 -1.81
C GLY B 161 -25.17 19.04 -3.28
N ASN B 162 -26.22 19.71 -3.71
CA ASN B 162 -26.35 20.05 -5.10
C ASN B 162 -25.52 21.29 -5.42
N LEU B 163 -24.58 21.12 -6.32
CA LEU B 163 -23.74 22.19 -6.72
C LEU B 163 -24.46 23.16 -7.66
N ASP B 164 -24.10 24.42 -7.58
CA ASP B 164 -24.62 25.46 -8.48
C ASP B 164 -23.68 25.47 -9.70
N LEU B 165 -24.11 24.89 -10.81
CA LEU B 165 -23.29 24.74 -11.97
C LEU B 165 -22.93 26.06 -12.64
N SER B 166 -23.74 27.07 -12.42
CA SER B 166 -23.46 28.40 -12.93
C SER B 166 -22.28 28.94 -12.16
N ASP B 167 -22.26 28.80 -10.85
CA ASP B 167 -21.12 29.17 -10.08
C ASP B 167 -19.88 28.33 -10.49
N ALA B 168 -20.10 27.01 -10.74
CA ALA B 168 -18.97 26.18 -11.19
C ALA B 168 -18.28 26.73 -12.42
N GLU B 169 -19.08 27.22 -13.36
CA GLU B 169 -18.50 27.74 -14.58
C GLU B 169 -17.69 28.97 -14.29
N LYS B 170 -18.19 29.81 -13.42
CA LYS B 170 -17.48 31.00 -13.06
C LYS B 170 -16.20 30.71 -12.35
N LYS B 171 -16.23 29.81 -11.39
CA LYS B 171 -15.05 29.49 -10.65
C LYS B 171 -14.00 28.74 -11.44
N ILE B 172 -14.42 27.88 -12.35
CA ILE B 172 -13.48 26.99 -13.07
C ILE B 172 -12.75 27.80 -14.17
N LYS B 173 -13.38 28.88 -14.68
CA LYS B 173 -12.69 29.77 -15.65
C LYS B 173 -11.46 30.34 -14.95
N GLY B 174 -10.30 30.15 -15.60
CA GLY B 174 -9.06 30.59 -15.00
C GLY B 174 -8.44 29.67 -13.96
N ALA B 175 -9.10 28.51 -13.66
CA ALA B 175 -8.50 27.64 -12.69
C ALA B 175 -7.35 26.80 -13.33
N LYS B 176 -6.30 26.52 -12.55
CA LYS B 176 -5.26 25.64 -12.99
C LYS B 176 -5.67 24.15 -12.88
N LEU B 177 -6.40 23.89 -11.81
CA LEU B 177 -6.77 22.48 -11.48
C LEU B 177 -8.11 22.55 -10.74
N VAL B 178 -8.90 21.53 -11.05
CA VAL B 178 -10.25 21.32 -10.47
C VAL B 178 -10.22 19.89 -9.90
N ALA B 179 -10.59 19.73 -8.64
CA ALA B 179 -10.67 18.43 -8.02
C ALA B 179 -12.06 18.23 -7.44
N VAL B 180 -12.73 17.17 -7.85
CA VAL B 180 -14.06 16.92 -7.32
C VAL B 180 -14.31 15.44 -7.03
N GLN B 181 -15.21 15.23 -6.09
CA GLN B 181 -15.61 13.90 -5.77
C GLN B 181 -16.75 13.56 -6.72
N HIS B 182 -16.83 12.33 -7.14
CA HIS B 182 -17.94 11.87 -7.90
C HIS B 182 -19.19 11.73 -7.06
N VAL B 183 -19.06 11.08 -5.94
CA VAL B 183 -20.11 10.87 -4.91
C VAL B 183 -19.59 11.24 -3.57
N SER B 184 -20.41 11.98 -2.78
CA SER B 184 -20.14 12.29 -1.43
C SER B 184 -20.35 11.11 -0.46
N ASN B 185 -19.35 10.78 0.34
CA ASN B 185 -19.44 9.70 1.30
C ASN B 185 -20.32 10.05 2.49
N ALA B 186 -20.63 11.31 2.72
CA ALA B 186 -21.46 11.71 3.85
C ALA B 186 -22.86 11.97 3.44
N LEU B 187 -23.08 12.69 2.34
CA LEU B 187 -24.37 12.99 1.83
C LEU B 187 -24.97 12.10 0.78
N GLY B 188 -24.15 11.33 0.06
CA GLY B 188 -24.64 10.53 -1.04
C GLY B 188 -25.00 11.23 -2.33
N VAL B 189 -24.71 12.52 -2.39
CA VAL B 189 -24.91 13.21 -3.64
C VAL B 189 -24.03 12.68 -4.78
N ILE B 190 -24.64 12.48 -5.92
CA ILE B 190 -23.91 12.19 -7.17
C ILE B 190 -23.73 13.49 -7.90
N HIS B 191 -22.53 14.01 -7.98
CA HIS B 191 -22.32 15.23 -8.73
C HIS B 191 -22.31 15.04 -10.23
N GLU B 192 -22.57 16.13 -10.95
CA GLU B 192 -22.60 16.14 -12.40
C GLU B 192 -21.18 16.19 -12.91
N VAL B 193 -20.47 15.13 -12.66
CA VAL B 193 -19.07 15.07 -13.02
C VAL B 193 -18.77 15.24 -14.52
N GLU B 194 -19.60 14.70 -15.35
CA GLU B 194 -19.37 14.85 -16.76
C GLU B 194 -19.43 16.31 -17.15
N GLU B 195 -20.39 17.03 -16.60
CA GLU B 195 -20.52 18.44 -16.91
C GLU B 195 -19.40 19.27 -16.33
N LEU B 196 -19.01 18.97 -15.10
CA LEU B 196 -17.89 19.67 -14.48
C LEU B 196 -16.61 19.40 -15.33
N GLY B 197 -16.41 18.17 -15.78
CA GLY B 197 -15.26 17.83 -16.60
C GLY B 197 -15.28 18.55 -17.92
N LYS B 198 -16.42 18.65 -18.51
CA LYS B 198 -16.59 19.44 -19.77
C LYS B 198 -16.20 20.85 -19.52
N ILE B 199 -16.65 21.50 -18.49
CA ILE B 199 -16.23 22.80 -18.10
C ILE B 199 -14.75 22.95 -17.93
N ALA B 200 -14.15 22.01 -17.19
CA ALA B 200 -12.71 22.08 -16.96
C ALA B 200 -11.99 21.88 -18.28
N LYS B 201 -12.39 20.98 -19.14
CA LYS B 201 -11.70 20.75 -20.43
C LYS B 201 -11.83 22.08 -21.29
N ASP B 202 -13.02 22.61 -21.26
CA ASP B 202 -13.25 23.82 -22.09
C ASP B 202 -12.46 24.99 -21.53
N GLU B 203 -12.18 25.14 -20.26
CA GLU B 203 -11.40 26.17 -19.68
C GLU B 203 -9.90 25.93 -19.54
N GLY B 204 -9.44 24.75 -19.99
CA GLY B 204 -8.01 24.42 -19.84
C GLY B 204 -7.54 24.11 -18.42
N ALA B 205 -8.44 23.65 -17.51
CA ALA B 205 -8.07 23.27 -16.15
C ALA B 205 -7.80 21.75 -16.14
N ILE B 206 -6.83 21.34 -15.35
CA ILE B 206 -6.59 19.91 -15.09
C ILE B 206 -7.80 19.42 -14.23
N PHE B 207 -8.35 18.26 -14.60
CA PHE B 207 -9.54 17.68 -13.91
C PHE B 207 -9.17 16.37 -13.13
N VAL B 208 -9.35 16.45 -11.87
CA VAL B 208 -9.07 15.35 -10.94
C VAL B 208 -10.38 14.85 -10.35
N VAL B 209 -10.58 13.53 -10.42
CA VAL B 209 -11.85 12.94 -9.96
C VAL B 209 -11.52 11.96 -8.77
N ASP B 210 -12.16 12.18 -7.64
CA ASP B 210 -12.13 11.24 -6.50
C ASP B 210 -13.32 10.33 -6.69
N ALA B 211 -13.10 9.10 -7.20
CA ALA B 211 -14.11 8.11 -7.51
C ALA B 211 -14.17 7.04 -6.39
N ALA B 212 -13.75 7.36 -5.22
CA ALA B 212 -13.68 6.32 -4.16
C ALA B 212 -15.08 5.82 -3.88
N GLN B 213 -16.11 6.63 -3.95
CA GLN B 213 -17.46 6.16 -3.62
C GLN B 213 -18.30 5.80 -4.79
N SER B 214 -17.84 6.07 -5.98
CA SER B 214 -18.51 5.68 -7.17
C SER B 214 -18.05 4.32 -7.81
N ALA B 215 -16.74 4.02 -7.77
CA ALA B 215 -16.26 2.84 -8.41
C ALA B 215 -16.94 1.57 -7.85
N GLY B 216 -17.42 0.73 -8.76
CA GLY B 216 -18.15 -0.47 -8.33
C GLY B 216 -19.59 -0.31 -8.00
N HIS B 217 -20.08 0.92 -7.90
CA HIS B 217 -21.48 1.19 -7.59
C HIS B 217 -22.20 1.78 -8.78
N MET B 218 -21.48 2.34 -9.74
CA MET B 218 -22.08 2.95 -10.97
C MET B 218 -20.95 3.04 -11.98
N GLU B 219 -21.27 3.50 -13.19
CA GLU B 219 -20.28 3.60 -14.21
C GLU B 219 -19.26 4.66 -13.91
N VAL B 220 -17.98 4.26 -14.02
CA VAL B 220 -16.89 5.16 -13.89
C VAL B 220 -16.02 5.06 -15.12
N ASN B 221 -16.02 6.07 -16.01
CA ASN B 221 -15.34 5.93 -17.27
C ASN B 221 -14.56 7.22 -17.50
N VAL B 222 -13.25 7.13 -17.66
CA VAL B 222 -12.41 8.26 -17.71
C VAL B 222 -12.70 9.22 -18.90
N LYS B 223 -13.03 8.61 -20.01
CA LYS B 223 -13.38 9.40 -21.28
C LYS B 223 -14.69 10.21 -21.06
N LYS B 224 -15.71 9.57 -20.54
CA LYS B 224 -16.99 10.17 -20.28
C LYS B 224 -16.88 11.26 -19.26
N LEU B 225 -16.02 11.10 -18.26
CA LEU B 225 -15.88 12.05 -17.20
C LEU B 225 -14.87 13.18 -17.52
N HIS B 226 -14.18 13.02 -18.65
CA HIS B 226 -13.12 13.96 -19.02
C HIS B 226 -12.03 14.11 -18.01
N ALA B 227 -11.73 12.97 -17.34
CA ALA B 227 -10.71 12.94 -16.31
C ALA B 227 -9.27 12.99 -16.85
N ASP B 228 -8.48 13.80 -16.19
CA ASP B 228 -7.03 13.79 -16.35
C ASP B 228 -6.35 12.88 -15.28
N PHE B 229 -6.89 12.90 -14.07
CA PHE B 229 -6.46 12.00 -12.98
C PHE B 229 -7.70 11.51 -12.36
N LEU B 230 -7.64 10.25 -11.90
CA LEU B 230 -8.81 9.62 -11.23
C LEU B 230 -8.34 8.64 -10.21
N ALA B 231 -8.94 8.65 -9.02
CA ALA B 231 -8.47 7.76 -7.90
C ALA B 231 -9.66 6.95 -7.42
N PHE B 232 -9.43 5.68 -7.11
CA PHE B 232 -10.41 4.87 -6.37
C PHE B 232 -9.74 3.84 -5.51
N SER B 233 -10.53 3.23 -4.61
CA SER B 233 -10.03 2.23 -3.62
C SER B 233 -10.59 0.88 -3.90
N GLY B 234 -9.77 -0.18 -3.94
CA GLY B 234 -10.29 -1.50 -4.16
C GLY B 234 -11.21 -2.05 -3.14
N HIS B 235 -11.05 -1.62 -1.89
CA HIS B 235 -11.82 -2.18 -0.78
C HIS B 235 -13.25 -1.73 -0.61
N LYS B 236 -13.58 -0.75 -1.41
CA LYS B 236 -14.92 -0.19 -1.40
C LYS B 236 -15.83 -0.86 -2.43
N GLY B 237 -16.47 -0.12 -3.33
CA GLY B 237 -17.39 -0.73 -4.19
C GLY B 237 -16.90 -1.89 -5.05
N PRO B 238 -15.62 -1.89 -5.47
CA PRO B 238 -15.13 -2.98 -6.34
C PRO B 238 -15.07 -4.37 -5.66
N MET B 239 -15.31 -4.45 -4.35
CA MET B 239 -15.40 -5.74 -3.62
C MET B 239 -13.97 -6.37 -3.61
N GLY B 240 -12.92 -5.59 -3.61
CA GLY B 240 -11.55 -6.03 -3.51
C GLY B 240 -11.07 -5.97 -2.10
N PRO B 241 -9.78 -6.37 -2.00
CA PRO B 241 -9.09 -6.37 -0.69
C PRO B 241 -8.67 -5.02 -0.20
N THR B 242 -8.21 -4.88 1.04
CA THR B 242 -7.61 -3.64 1.51
C THR B 242 -6.21 -3.54 0.93
N GLY B 243 -5.64 -2.36 1.02
CA GLY B 243 -4.29 -2.13 0.61
C GLY B 243 -3.99 -1.97 -0.86
N ILE B 244 -5.11 -1.77 -1.64
CA ILE B 244 -4.91 -1.54 -3.08
C ILE B 244 -5.79 -0.41 -3.54
N GLY B 245 -5.17 0.56 -4.08
CA GLY B 245 -5.85 1.68 -4.74
C GLY B 245 -5.38 1.83 -6.14
N VAL B 246 -6.06 2.72 -6.87
CA VAL B 246 -5.73 3.02 -8.27
C VAL B 246 -5.60 4.52 -8.44
N LEU B 247 -4.57 4.89 -9.19
CA LEU B 247 -4.41 6.23 -9.71
C LEU B 247 -4.33 6.12 -11.23
N TYR B 248 -5.32 6.74 -11.92
CA TYR B 248 -5.25 6.93 -13.34
C TYR B 248 -4.63 8.23 -13.66
N ILE B 249 -3.64 8.14 -14.56
CA ILE B 249 -2.90 9.31 -15.11
C ILE B 249 -3.04 9.32 -16.58
N ARG B 250 -3.80 10.28 -17.12
CA ARG B 250 -3.91 10.33 -18.60
C ARG B 250 -2.55 10.63 -19.26
N GLU B 251 -2.37 9.91 -20.37
CA GLU B 251 -1.07 9.88 -21.01
C GLU B 251 -0.48 11.22 -21.39
N GLU B 252 -1.37 12.19 -21.69
CA GLU B 252 -0.89 13.47 -21.90
C GLU B 252 -0.10 14.12 -20.80
N PHE B 253 -0.19 13.64 -19.52
CA PHE B 253 0.60 14.08 -18.42
C PHE B 253 1.82 13.30 -18.09
N PHE B 254 2.18 12.31 -18.91
CA PHE B 254 3.43 11.54 -18.59
C PHE B 254 4.66 12.45 -18.60
N ASP B 255 4.70 13.53 -19.40
CA ASP B 255 5.92 14.44 -19.46
C ASP B 255 5.85 15.58 -18.45
N THR B 256 4.81 15.64 -17.62
CA THR B 256 4.53 16.77 -16.72
C THR B 256 4.60 16.21 -15.25
N PHE B 257 4.04 15.01 -15.06
CA PHE B 257 3.82 14.53 -13.70
C PHE B 257 5.09 13.98 -13.11
N GLU B 258 5.58 14.51 -12.00
CA GLU B 258 6.81 14.05 -11.39
C GLU B 258 6.54 12.92 -10.44
N PRO B 259 7.11 11.74 -10.65
CA PRO B 259 6.83 10.64 -9.73
C PRO B 259 7.17 10.97 -8.31
N PRO B 260 6.23 10.94 -7.33
CA PRO B 260 6.64 11.32 -5.98
C PRO B 260 7.44 10.28 -5.29
N LEU B 261 7.21 9.00 -5.63
CA LEU B 261 7.87 7.86 -5.00
C LEU B 261 8.74 7.18 -6.05
N ILE B 262 10.07 7.08 -5.78
CA ILE B 262 11.05 6.55 -6.71
C ILE B 262 11.95 5.53 -6.09
N GLY B 263 12.49 4.60 -6.89
CA GLY B 263 13.37 3.56 -6.33
C GLY B 263 13.30 2.32 -7.12
N GLY B 264 13.35 1.15 -6.47
CA GLY B 264 13.31 -0.11 -7.20
C GLY B 264 12.11 -0.19 -8.11
N GLY B 265 12.35 -0.65 -9.31
CA GLY B 265 11.36 -0.85 -10.37
C GLY B 265 11.02 0.42 -11.15
N THR B 266 11.56 1.56 -10.82
CA THR B 266 11.23 2.79 -11.47
C THR B 266 12.27 3.24 -12.51
N ILE B 267 13.34 2.52 -12.60
CA ILE B 267 14.55 3.04 -13.31
C ILE B 267 14.87 2.35 -14.62
N GLU B 268 15.58 3.07 -15.43
CA GLU B 268 16.30 2.51 -16.61
C GLU B 268 17.82 2.36 -16.35
N ASP B 269 18.38 3.28 -15.58
CA ASP B 269 19.81 3.20 -15.17
C ASP B 269 20.02 3.99 -13.93
N VAL B 270 21.06 3.56 -13.15
CA VAL B 270 21.46 4.17 -11.90
C VAL B 270 23.00 4.06 -11.75
N SER B 271 23.52 5.18 -11.27
CA SER B 271 24.92 5.21 -10.78
C SER B 271 24.93 5.84 -9.46
N LEU B 272 26.13 5.93 -8.84
CA LEU B 272 26.21 6.76 -7.61
C LEU B 272 25.98 8.23 -7.84
N ASP B 273 26.19 8.71 -9.08
CA ASP B 273 25.92 10.14 -9.41
C ASP B 273 24.51 10.52 -9.80
N GLY B 274 23.68 9.54 -10.18
CA GLY B 274 22.28 9.87 -10.48
C GLY B 274 21.55 8.73 -11.06
N TYR B 275 20.41 9.05 -11.65
CA TYR B 275 19.51 8.01 -12.19
C TYR B 275 18.73 8.51 -13.37
N LYS B 276 18.23 7.57 -14.15
CA LYS B 276 17.23 7.80 -15.26
C LYS B 276 16.03 6.88 -14.96
N LEU B 277 14.84 7.47 -15.09
CA LEU B 277 13.61 6.66 -14.83
C LEU B 277 13.10 5.93 -16.05
N THR B 278 12.42 4.82 -15.86
CA THR B 278 11.74 4.08 -16.91
C THR B 278 10.38 4.70 -17.31
N GLU B 279 9.76 4.06 -18.22
CA GLU B 279 8.47 4.55 -18.77
C GLU B 279 7.30 4.17 -17.86
N PRO B 280 6.16 4.85 -18.01
CA PRO B 280 4.90 4.42 -17.31
C PRO B 280 4.45 3.07 -17.74
N PRO B 281 3.75 2.30 -16.88
CA PRO B 281 3.35 2.75 -15.52
C PRO B 281 4.41 2.45 -14.46
N GLU B 282 5.44 1.67 -14.76
CA GLU B 282 6.49 1.32 -13.76
C GLU B 282 7.22 2.51 -13.28
N ARG B 283 7.33 3.64 -14.02
CA ARG B 283 7.94 4.86 -13.57
C ARG B 283 7.36 5.32 -12.23
N PHE B 284 6.08 4.99 -12.01
CA PHE B 284 5.32 5.51 -10.84
C PHE B 284 5.23 4.54 -9.69
N GLU B 285 5.70 3.30 -9.85
CA GLU B 285 5.48 2.27 -8.88
C GLU B 285 6.82 1.87 -8.21
N ALA B 286 7.06 2.45 -7.04
CA ALA B 286 8.33 2.23 -6.37
C ALA B 286 8.25 1.00 -5.45
N GLY B 287 9.14 0.07 -5.66
CA GLY B 287 9.24 -1.12 -4.80
C GLY B 287 8.27 -2.16 -5.16
N THR B 288 8.28 -3.27 -4.50
CA THR B 288 7.42 -4.35 -4.78
C THR B 288 5.97 -3.94 -4.63
N PRO B 289 5.15 -4.05 -5.71
CA PRO B 289 3.75 -3.75 -5.56
C PRO B 289 2.96 -4.61 -4.68
N ASN B 290 1.72 -4.25 -4.35
CA ASN B 290 0.86 -5.17 -3.70
C ASN B 290 0.28 -6.15 -4.71
N ILE B 291 1.12 -7.15 -5.05
CA ILE B 291 0.78 -8.09 -6.09
C ILE B 291 -0.50 -8.84 -5.75
N GLY B 292 -0.65 -9.36 -4.52
CA GLY B 292 -1.82 -10.05 -4.11
C GLY B 292 -3.05 -9.18 -4.16
N GLY B 293 -2.84 -7.94 -3.73
CA GLY B 293 -3.99 -7.04 -3.74
C GLY B 293 -4.45 -6.64 -5.13
N ALA B 294 -3.55 -6.43 -6.05
CA ALA B 294 -3.94 -6.16 -7.48
C ALA B 294 -4.67 -7.33 -8.04
N ILE B 295 -4.25 -8.58 -7.75
CA ILE B 295 -4.95 -9.78 -8.19
C ILE B 295 -6.31 -9.85 -7.59
N GLY B 296 -6.41 -9.55 -6.29
CA GLY B 296 -7.71 -9.50 -5.66
C GLY B 296 -8.69 -8.45 -6.22
N LEU B 297 -8.09 -7.32 -6.49
CA LEU B 297 -8.92 -6.23 -7.09
C LEU B 297 -9.41 -6.67 -8.46
N ALA B 298 -8.59 -7.26 -9.28
CA ALA B 298 -9.04 -7.75 -10.62
C ALA B 298 -10.10 -8.77 -10.44
N ALA B 299 -10.06 -9.62 -9.44
CA ALA B 299 -11.12 -10.55 -9.17
C ALA B 299 -12.34 -9.90 -8.73
N GLY B 300 -12.30 -8.85 -7.93
CA GLY B 300 -13.50 -8.09 -7.53
C GLY B 300 -14.09 -7.42 -8.73
N ILE B 301 -13.30 -6.85 -9.59
CA ILE B 301 -13.86 -6.23 -10.79
C ILE B 301 -14.51 -7.28 -11.67
N ARG B 302 -13.90 -8.43 -11.86
CA ARG B 302 -14.59 -9.46 -12.63
C ARG B 302 -15.91 -9.93 -11.99
N TYR B 303 -15.96 -9.97 -10.67
CA TYR B 303 -17.16 -10.33 -9.98
C TYR B 303 -18.25 -9.26 -10.21
N ILE B 304 -17.85 -8.02 -10.14
CA ILE B 304 -18.75 -6.90 -10.34
C ILE B 304 -19.28 -6.94 -11.79
N GLU B 305 -18.42 -7.29 -12.72
CA GLU B 305 -18.80 -7.34 -14.21
C GLU B 305 -19.79 -8.46 -14.40
N ARG B 306 -19.77 -9.52 -13.68
CA ARG B 306 -20.72 -10.62 -13.83
C ARG B 306 -22.06 -10.19 -13.35
N ILE B 307 -22.17 -9.39 -12.31
CA ILE B 307 -23.38 -8.88 -11.79
C ILE B 307 -23.86 -7.78 -12.73
N GLY B 308 -23.00 -6.89 -13.16
CA GLY B 308 -23.37 -5.71 -13.97
C GLY B 308 -23.64 -4.47 -13.17
N LEU B 309 -22.96 -3.40 -13.59
CA LEU B 309 -23.13 -2.09 -12.87
C LEU B 309 -24.56 -1.59 -12.90
N GLY B 310 -25.27 -1.95 -13.94
CA GLY B 310 -26.66 -1.54 -14.02
C GLY B 310 -27.54 -2.19 -12.98
N ARG B 311 -27.31 -3.46 -12.75
CA ARG B 311 -28.04 -4.15 -11.74
C ARG B 311 -27.68 -3.63 -10.35
N ILE B 312 -26.40 -3.32 -10.14
CA ILE B 312 -25.96 -2.81 -8.90
C ILE B 312 -26.68 -1.47 -8.57
N GLU B 313 -26.62 -0.59 -9.56
CA GLU B 313 -27.25 0.77 -9.39
C GLU B 313 -28.77 0.65 -9.11
N ARG B 314 -29.40 -0.26 -9.83
CA ARG B 314 -30.86 -0.49 -9.66
C ARG B 314 -31.22 -1.03 -8.30
N GLN B 315 -30.44 -2.03 -7.81
CA GLN B 315 -30.71 -2.55 -6.53
C GLN B 315 -30.54 -1.53 -5.45
N GLU B 316 -29.42 -0.77 -5.53
CA GLU B 316 -29.16 0.28 -4.57
C GLU B 316 -30.26 1.35 -4.53
N HIS B 317 -30.76 1.72 -5.68
CA HIS B 317 -31.80 2.70 -5.72
C HIS B 317 -33.05 2.20 -4.97
N LYS B 318 -33.39 0.94 -5.15
CA LYS B 318 -34.55 0.38 -4.46
C LYS B 318 -34.35 0.47 -2.98
N LEU B 319 -33.14 0.17 -2.53
CA LEU B 319 -32.88 0.26 -1.11
C LEU B 319 -32.95 1.64 -0.52
N VAL B 320 -32.38 2.65 -1.24
CA VAL B 320 -32.48 4.05 -0.83
C VAL B 320 -33.93 4.57 -0.84
N LYS B 321 -34.66 4.21 -1.86
CA LYS B 321 -36.04 4.63 -2.00
C LYS B 321 -36.86 4.14 -0.80
N ARG B 322 -36.74 2.87 -0.45
CA ARG B 322 -37.49 2.38 0.71
C ARG B 322 -36.98 2.93 2.04
N THR B 323 -35.67 3.05 2.20
CA THR B 323 -35.14 3.60 3.39
C THR B 323 -35.62 5.01 3.67
N THR B 324 -35.43 5.87 2.69
CA THR B 324 -35.82 7.28 2.87
C THR B 324 -37.34 7.50 3.11
N GLU B 325 -38.11 6.76 2.35
CA GLU B 325 -39.60 6.77 2.53
C GLU B 325 -39.92 6.32 3.94
N GLY B 326 -39.25 5.25 4.38
CA GLY B 326 -39.53 4.77 5.75
C GLY B 326 -39.09 5.74 6.83
N LEU B 327 -38.00 6.46 6.65
CA LEU B 327 -37.56 7.43 7.56
C LEU B 327 -38.52 8.61 7.59
N ASP B 328 -39.03 8.97 6.43
CA ASP B 328 -40.01 10.05 6.39
C ASP B 328 -41.24 9.64 7.21
N GLU B 329 -41.63 8.38 7.11
CA GLU B 329 -42.83 7.90 7.88
C GLU B 329 -42.53 8.02 9.35
N LEU B 330 -41.27 7.86 9.81
CA LEU B 330 -40.92 8.02 11.21
C LEU B 330 -40.55 9.38 11.68
N GLU B 331 -40.61 10.36 10.76
CA GLU B 331 -40.20 11.70 11.03
C GLU B 331 -38.77 11.81 11.46
N VAL B 332 -37.95 10.96 10.84
CA VAL B 332 -36.52 10.93 11.08
C VAL B 332 -35.87 11.68 9.92
N PRO B 333 -35.15 12.81 10.30
CA PRO B 333 -34.53 13.56 9.21
C PRO B 333 -33.35 12.89 8.48
N TRP B 334 -33.31 13.00 7.17
CA TRP B 334 -32.23 12.44 6.38
C TRP B 334 -31.67 13.51 5.47
N TYR B 335 -30.42 13.31 5.10
CA TYR B 335 -29.65 14.26 4.35
C TYR B 335 -29.37 13.87 2.92
N GLY B 336 -28.94 14.85 2.18
CA GLY B 336 -28.67 14.63 0.78
C GLY B 336 -29.85 14.90 -0.13
N PRO B 337 -29.57 14.63 -1.45
CA PRO B 337 -30.60 14.97 -2.41
C PRO B 337 -31.93 14.22 -2.33
N ARG B 338 -33.00 14.97 -2.50
CA ARG B 338 -34.33 14.40 -2.55
C ARG B 338 -34.63 13.79 -3.89
N ASN B 339 -34.02 14.28 -4.96
CA ASN B 339 -34.10 13.69 -6.20
C ASN B 339 -33.23 12.40 -6.14
N LEU B 340 -33.85 11.26 -6.05
CA LEU B 340 -33.09 10.02 -5.87
C LEU B 340 -32.32 9.69 -7.06
N LYS B 341 -32.55 10.22 -8.27
CA LYS B 341 -31.63 9.97 -9.40
C LYS B 341 -30.23 10.53 -9.16
N LYS B 342 -30.10 11.47 -8.25
CA LYS B 342 -28.83 12.08 -7.88
C LYS B 342 -28.35 11.64 -6.46
N HIS B 343 -28.91 10.52 -5.92
CA HIS B 343 -28.59 10.07 -4.59
C HIS B 343 -28.07 8.63 -4.69
N ALA B 344 -26.84 8.45 -4.26
CA ALA B 344 -26.22 7.16 -4.29
C ALA B 344 -26.68 6.29 -3.14
N GLY B 345 -26.08 5.13 -3.00
CA GLY B 345 -26.48 4.18 -1.98
C GLY B 345 -26.00 4.47 -0.60
N VAL B 346 -26.25 5.68 -0.17
CA VAL B 346 -25.83 6.22 1.08
C VAL B 346 -26.97 7.04 1.68
N VAL B 347 -27.39 6.72 2.91
CA VAL B 347 -28.42 7.54 3.59
C VAL B 347 -27.89 7.91 4.94
N SER B 348 -27.55 9.18 5.14
CA SER B 348 -27.20 9.77 6.39
C SER B 348 -28.46 10.37 6.99
N PHE B 349 -28.58 10.20 8.29
CA PHE B 349 -29.73 10.63 9.05
C PHE B 349 -29.33 10.90 10.49
N ASN B 350 -30.30 11.44 11.22
CA ASN B 350 -30.14 11.68 12.63
C ASN B 350 -31.48 11.49 13.34
N VAL B 351 -31.40 11.12 14.59
CA VAL B 351 -32.59 10.99 15.43
C VAL B 351 -32.57 12.14 16.42
N PRO B 352 -33.56 13.02 16.37
CA PRO B 352 -33.59 14.21 17.27
C PRO B 352 -33.54 13.79 18.71
N GLY B 353 -32.64 14.40 19.47
CA GLY B 353 -32.43 13.98 20.86
C GLY B 353 -31.36 12.98 21.19
N LEU B 354 -30.77 12.33 20.18
CA LEU B 354 -29.83 11.26 20.35
C LEU B 354 -28.55 11.51 19.52
N HIS B 355 -27.44 11.30 20.15
CA HIS B 355 -26.18 11.42 19.52
C HIS B 355 -26.13 10.28 18.46
N PRO B 356 -25.53 10.57 17.27
CA PRO B 356 -25.38 9.45 16.30
C PRO B 356 -24.67 8.19 16.80
N HIS B 357 -23.67 8.28 17.67
CA HIS B 357 -22.99 7.09 18.18
C HIS B 357 -23.97 6.25 18.99
N ASP B 358 -24.92 6.91 19.66
CA ASP B 358 -25.84 6.11 20.50
C ASP B 358 -26.86 5.38 19.59
N VAL B 359 -27.32 6.03 18.52
CA VAL B 359 -28.11 5.35 17.51
C VAL B 359 -27.42 4.14 16.90
N ALA B 360 -26.14 4.35 16.54
CA ALA B 360 -25.39 3.30 15.99
C ALA B 360 -25.20 2.10 16.91
N ALA B 361 -25.04 2.38 18.20
CA ALA B 361 -24.91 1.32 19.20
C ALA B 361 -26.21 0.52 19.36
N ILE B 362 -27.38 1.21 19.31
CA ILE B 362 -28.65 0.50 19.33
C ILE B 362 -28.83 -0.42 18.13
N LEU B 363 -28.41 0.09 16.95
CA LEU B 363 -28.45 -0.70 15.79
C LEU B 363 -27.56 -1.90 15.85
N ASP B 364 -26.37 -1.69 16.35
CA ASP B 364 -25.43 -2.77 16.57
C ASP B 364 -25.97 -3.90 17.51
N ASP B 365 -26.70 -3.47 18.52
CA ASP B 365 -27.33 -4.44 19.43
C ASP B 365 -28.19 -5.40 18.58
N HIS B 366 -28.87 -4.88 17.55
CA HIS B 366 -29.72 -5.57 16.64
C HIS B 366 -29.02 -6.16 15.41
N SER B 367 -27.69 -6.26 15.50
CA SER B 367 -26.86 -6.79 14.46
C SER B 367 -26.96 -6.03 13.10
N ILE B 368 -27.23 -4.72 13.20
CA ILE B 368 -27.23 -3.87 12.03
C ILE B 368 -26.02 -2.91 12.19
N MET B 369 -25.15 -2.94 11.13
CA MET B 369 -23.86 -2.25 11.11
C MET B 369 -24.01 -0.98 10.31
N VAL B 370 -23.93 0.10 11.07
CA VAL B 370 -23.89 1.42 10.47
C VAL B 370 -22.72 2.20 11.04
N ARG B 371 -22.38 3.33 10.36
CA ARG B 371 -21.31 4.20 10.88
C ARG B 371 -21.92 5.50 11.38
N SER B 372 -21.23 6.05 12.36
CA SER B 372 -21.65 7.29 12.96
C SER B 372 -20.46 8.25 13.09
N GLY B 373 -20.78 9.53 13.10
CA GLY B 373 -19.77 10.55 13.24
C GLY B 373 -19.69 11.50 12.08
N HIS B 374 -18.53 12.12 11.90
CA HIS B 374 -18.32 13.11 10.86
C HIS B 374 -17.91 12.55 9.48
N HIS B 375 -17.56 11.28 9.46
CA HIS B 375 -17.33 10.54 8.17
C HIS B 375 -16.14 11.13 7.42
N ALA B 377 -15.55 14.15 6.80
CA ALA B 377 -16.10 15.18 5.96
C ALA B 377 -16.62 16.30 6.86
N LEU B 378 -15.70 16.80 7.68
CA LEU B 378 -16.08 17.88 8.64
C LEU B 378 -16.68 19.11 8.03
N PRO B 379 -16.23 19.54 6.88
CA PRO B 379 -16.84 20.74 6.31
C PRO B 379 -18.28 20.51 5.94
N VAL B 380 -18.68 19.29 5.63
CA VAL B 380 -20.07 18.99 5.34
C VAL B 380 -20.89 19.21 6.64
N MET B 381 -20.39 18.68 7.73
CA MET B 381 -21.08 18.79 8.99
C MET B 381 -21.16 20.26 9.40
N LYS B 382 -20.06 20.95 9.24
CA LYS B 382 -20.04 22.37 9.66
C LYS B 382 -20.97 23.20 8.76
N LYS B 383 -21.08 22.90 7.46
CA LYS B 383 -22.02 23.56 6.54
C LYS B 383 -23.46 23.33 6.94
N LEU B 384 -23.76 22.09 7.34
CA LEU B 384 -25.13 21.76 7.71
C LEU B 384 -25.43 22.15 9.15
N GLY B 385 -24.43 22.49 9.96
CA GLY B 385 -24.71 22.92 11.36
C GLY B 385 -25.00 21.72 12.28
N ILE B 386 -24.42 20.55 11.97
CA ILE B 386 -24.61 19.33 12.77
C ILE B 386 -23.25 18.79 13.16
N ASN B 387 -23.20 17.90 14.12
CA ASN B 387 -21.92 17.38 14.65
C ASN B 387 -21.47 16.13 13.89
N GLY B 388 -22.45 15.48 13.29
CA GLY B 388 -22.26 14.25 12.59
C GLY B 388 -23.60 13.63 12.26
N THR B 389 -23.56 12.43 11.71
CA THR B 389 -24.74 11.72 11.31
C THR B 389 -24.58 10.23 11.52
N VAL B 390 -25.69 9.54 11.39
CA VAL B 390 -25.74 8.10 11.35
C VAL B 390 -25.78 7.83 9.85
N ARG B 391 -25.06 6.82 9.40
CA ARG B 391 -24.99 6.55 7.95
C ARG B 391 -25.16 5.09 7.65
N ALA B 392 -26.20 4.81 6.88
CA ALA B 392 -26.47 3.48 6.37
C ALA B 392 -26.08 3.53 4.89
N SER B 393 -25.29 2.60 4.43
CA SER B 393 -24.82 2.58 3.07
C SER B 393 -24.83 1.16 2.56
N PHE B 394 -25.14 1.06 1.29
CA PHE B 394 -25.43 -0.18 0.64
C PHE B 394 -24.56 -0.67 -0.50
N HIS B 395 -24.76 -1.96 -0.80
CA HIS B 395 -24.21 -2.61 -1.96
C HIS B 395 -25.29 -3.56 -2.50
N VAL B 396 -24.99 -4.17 -3.63
CA VAL B 396 -25.89 -5.05 -4.35
C VAL B 396 -26.37 -6.26 -3.59
N TYR B 397 -25.61 -6.66 -2.59
CA TYR B 397 -25.94 -7.78 -1.73
C TYR B 397 -26.91 -7.46 -0.60
N ASN B 398 -27.15 -6.21 -0.34
CA ASN B 398 -28.13 -5.77 0.59
C ASN B 398 -29.55 -5.91 0.00
N SER B 399 -30.49 -6.27 0.89
CA SER B 399 -31.87 -6.62 0.48
C SER B 399 -32.93 -5.69 1.10
N LEU B 400 -34.08 -5.70 0.36
CA LEU B 400 -35.23 -4.94 0.92
C LEU B 400 -35.73 -5.48 2.31
N GLU B 401 -35.58 -6.79 2.49
CA GLU B 401 -35.84 -7.46 3.78
C GLU B 401 -35.05 -6.86 4.92
N GLU B 402 -33.72 -6.63 4.60
CA GLU B 402 -32.90 -5.96 5.53
C GLU B 402 -33.30 -4.52 5.87
N VAL B 403 -33.72 -3.76 4.82
CA VAL B 403 -34.17 -2.45 5.04
C VAL B 403 -35.43 -2.47 5.94
N GLU B 404 -36.32 -3.42 5.70
CA GLU B 404 -37.51 -3.52 6.53
C GLU B 404 -37.17 -3.85 8.00
N THR B 405 -36.18 -4.72 8.20
CA THR B 405 -35.74 -5.01 9.54
C THR B 405 -35.20 -3.74 10.21
N PHE B 406 -34.36 -3.00 9.49
CA PHE B 406 -33.80 -1.77 9.93
C PHE B 406 -34.91 -0.78 10.29
N LEU B 407 -35.88 -0.64 9.40
CA LEU B 407 -36.98 0.33 9.66
C LEU B 407 -37.82 -0.06 10.92
N GLY B 408 -37.93 -1.34 11.12
CA GLY B 408 -38.58 -1.84 12.33
C GLY B 408 -37.83 -1.55 13.58
N VAL B 409 -36.47 -1.66 13.53
CA VAL B 409 -35.69 -1.26 14.63
C VAL B 409 -35.66 0.25 14.91
N MET B 410 -35.61 1.06 13.83
CA MET B 410 -35.71 2.49 13.95
C MET B 410 -37.07 2.94 14.56
N GLU B 411 -38.10 2.19 14.20
CA GLU B 411 -39.45 2.52 14.72
C GLU B 411 -39.51 2.30 16.24
N GLU B 412 -38.95 1.16 16.69
CA GLU B 412 -38.88 0.87 18.09
C GLU B 412 -38.02 1.90 18.81
N LEU B 413 -36.88 2.32 18.23
CA LEU B 413 -36.07 3.31 18.83
C LEU B 413 -36.80 4.60 19.01
N VAL B 414 -37.39 5.10 17.97
CA VAL B 414 -38.09 6.39 17.99
C VAL B 414 -39.25 6.36 19.00
N LYS B 415 -40.06 5.30 18.94
CA LYS B 415 -41.15 5.15 19.98
C LYS B 415 -40.65 5.06 21.40
N GLY B 416 -39.47 4.51 21.59
CA GLY B 416 -38.87 4.47 22.90
C GLY B 416 -38.25 5.73 23.47
N LEU B 417 -38.26 6.86 22.75
CA LEU B 417 -37.48 8.05 23.20
C LEU B 417 -37.99 8.65 24.52
#